data_7O2W
#
_entry.id   7O2W
#
_cell.length_a   1.00
_cell.length_b   1.00
_cell.length_c   1.00
_cell.angle_alpha   90.00
_cell.angle_beta   90.00
_cell.angle_gamma   90.00
#
_symmetry.space_group_name_H-M   'P 1'
#
loop_
_entity.id
_entity.type
_entity.pdbx_description
1 polymer 'Ubiquitin-like protein SMT3,Guanine nucleotide exchange C9orf72'
2 polymer 'Guanine nucleotide exchange protein SMCR8,Guanine nucleotide exchange protein SMCR8,Maltose/maltodextrin-binding periplasmic protein'
#
loop_
_entity_poly.entity_id
_entity_poly.type
_entity_poly.pdbx_seq_one_letter_code
_entity_poly.pdbx_strand_id
1 'polypeptide(L)'
;MAHHHHHHGSDSEVNQEAKPEVKPEVKPETHINLKVSDGSSEIFFKIKKTTPLRRLMEAFAKRQGKEMDSLRFLYDGIRI
QADQTPEDLDMEDNDIIEAHREQISSGLDAAAMSTLCPPPSPAVAKTEIALSGKSPLLAATFAYWDNILGPRVRHIWAPK
TEQVLLSDGEITFLANHTLNGEILRNAESGAIDVKFFVLSEKGVIIVSLIFDGNWNGDRSTYGLSIILPQTELSFYLPLH
RVCVDRLTHIIRKGRIWMHKERQENVQKIILEGTERMEDQGQSIIPMLTGEVIPVMELLSSMKSHSVPEEIDIADTVLND
DDIGDSCHEGFLLNAISSHLQTCGCSVVVGSSAEKVNKIVRTLCLFLTPAERKCSRLCEAESSFKYESGLFVQGLLKDST
GSFVLPFRQVMYAPYPTTHIDVDVNTVKQMPPCHEHIYNQRRYMRSELTAFWRATSEEDMAQDTIIYTDESFTPDLNIFQ
DVLHRDTLVKAFLDQVFQLKPGLSLRSTFLAQFLLVLHRKALTLIKYIEDDTQKGKKPFKSLRNLKIDLDLTAEGDLNII
MALAEKIKPGLHSFIFGRPFYTSVQERDVLMTF
;
A
2 'polypeptide(L)'
;MDSAWSHPQFEKGGGSGGGSGGSAWSHPQFEKSAVDLEVLFQGPGMISAPDVVAFTKEEEYEEEPYNEPALPEEYSVPLF
PFASQGANPWSKLSGAKFSRDFILISEFSEQVGPQPLLTIPNDTKVFGTFDLNYFSLRIMSVDYQASFVGHPPGSAYPKL
NFVEDSKVVLGDSKEGAFAYVHHLTLYDLEARGFVRPFCMAYISADQHKIMQQFQELSAEFSRASECLKTGNRKAFAGEL
EKKLKDLDYTRTVLHTETEIQKKANDKGFYSSQAIEKANELASVEKSIIEHQDLLKQIRSYPHRKLKGHDLCPGEMEHIQ
DQASQASTTSNPDESADTDLYTCRPAYTPKLIKAKSTKCFDKKLKTLEELCDTEYFTQTLAQLSHIEHMFRGDLCYLLTS
QIDRALLKQQHITNFLFEDFVEVDDRMVEKQESIPSKPSQDRPPSSSLEECPIPKVLISVGSYKSSVESVLIKMEQELGD
EEYKDTGSTGSTSGTLEVLFQGPGRQKDQGFRVDFSVENANPSSRDNSCEGFPAYELDPSHLLASRDISKTSLDNYSDTT
SYVSSVASTSSDRIPSAYPAGLSSDRHKKRAGQNALKFIRQYPFAHPAIYSLLSGRTLVVLGEDEAIVRKLVTALAIFVP
SYGCYAKPVKHWASSPLHIMDFQKWKLIGLQRVASPAGAGTLHALSRYSRYTSILDLDNKTLRCPLYRGTLVPRLADHRT
QIKRGSTYYLHVQSMLTQLCSKAFLYTFCHHLHLPTHDKETEELVASRQMSFLKLTLGLVNEDVRVVQYLAELLKLHYMQ
ESPGTSHPMLRFDYVPSFLYKIGGSGSENLYFQGGTSSGMKIEEGKLVIWINGDKGYNGLAEVGKKFEKDTGIKVTVEHP
DKLEEKFPQVAATGDGPDIIFWAHDRFGGYAQSGLLAEITPDKAFQDKLYPFTWDAVRYNGKLIAYPIAVEALSLIYNKD
LLPNPPKTWEEIPALDKELKAKGKSALMFNLQEPYFTWPLIAADGGYAFKYENGKYDIKDVGVDNAGAKAGLTFLVDLIK
NKHMNADTDYSIAEAAFNKGETAMTINGPWAWSNIDTSKVNYGVTVLPTFKGQPSKPFVGVLSAGINAASPNKELAKEFL
ENYLLTDEGLEAVNKDKPLGAVALKSYEEELAKDPRIAATMENAQKGEIMPNIPQMSAFWYAVRTAVINAASGRQTVDEA
LKDAQT
;
B
#
# COMPACT_ATOMS: atom_id res chain seq x y z
N ALA A 125 -7.56 -38.55 15.53
CA ALA A 125 -6.71 -37.38 15.70
C ALA A 125 -6.33 -36.78 14.36
N LYS A 126 -7.22 -36.93 13.38
CA LYS A 126 -7.01 -36.40 12.04
C LYS A 126 -8.30 -36.52 11.25
N THR A 127 -8.35 -35.84 10.12
CA THR A 127 -9.45 -36.00 9.17
C THR A 127 -8.94 -35.61 7.80
N GLU A 128 -8.83 -36.58 6.91
CA GLU A 128 -8.25 -36.37 5.58
C GLU A 128 -9.31 -35.79 4.65
N ILE A 129 -9.02 -34.62 4.10
CA ILE A 129 -9.84 -34.02 3.04
C ILE A 129 -8.96 -33.78 1.84
N ALA A 130 -9.27 -34.46 0.74
CA ALA A 130 -8.57 -34.21 -0.51
C ALA A 130 -8.91 -32.81 -1.02
N LEU A 131 -7.91 -32.17 -1.62
CA LEU A 131 -8.07 -30.85 -2.21
C LEU A 131 -8.01 -30.96 -3.72
N SER A 132 -8.97 -30.32 -4.38
CA SER A 132 -8.94 -30.20 -5.83
C SER A 132 -7.95 -29.12 -6.20
N GLY A 133 -6.82 -29.52 -6.77
CA GLY A 133 -5.78 -28.59 -7.11
C GLY A 133 -4.43 -29.30 -7.10
N LYS A 134 -3.38 -28.51 -7.27
CA LYS A 134 -2.02 -29.04 -7.31
C LYS A 134 -1.29 -28.84 -5.98
N SER A 135 -1.21 -27.60 -5.51
CA SER A 135 -0.38 -27.26 -4.35
C SER A 135 -1.23 -26.55 -3.31
N PRO A 136 -1.99 -27.30 -2.53
CA PRO A 136 -2.76 -26.68 -1.44
C PRO A 136 -1.86 -26.20 -0.31
N LEU A 137 -2.47 -25.70 0.77
CA LEU A 137 -1.73 -25.29 1.96
C LEU A 137 -1.55 -26.52 2.87
N LEU A 138 -1.10 -26.29 4.11
CA LEU A 138 -0.93 -27.35 5.09
C LEU A 138 -2.14 -27.42 6.01
N ALA A 139 -2.04 -28.23 7.04
CA ALA A 139 -3.17 -28.60 7.88
C ALA A 139 -3.67 -27.40 8.68
N ALA A 140 -4.70 -27.65 9.48
CA ALA A 140 -5.20 -26.69 10.47
C ALA A 140 -5.23 -27.37 11.84
N THR A 141 -5.37 -26.55 12.88
CA THR A 141 -5.28 -27.03 14.25
C THR A 141 -6.53 -26.64 15.02
N PHE A 142 -6.91 -27.49 15.96
CA PHE A 142 -8.06 -27.22 16.82
C PHE A 142 -7.77 -27.71 18.24
N ALA A 143 -6.63 -27.33 18.80
CA ALA A 143 -6.31 -27.74 20.16
C ALA A 143 -7.36 -27.23 21.15
N TYR A 144 -7.54 -27.95 22.25
CA TYR A 144 -8.47 -27.52 23.29
C TYR A 144 -7.78 -26.59 24.28
N TRP A 145 -8.46 -26.31 25.38
CA TRP A 145 -7.87 -25.56 26.48
C TRP A 145 -7.30 -26.49 27.54
N ILE A 148 -9.29 -28.98 30.53
CA ILE A 148 -8.58 -28.52 31.71
C ILE A 148 -7.14 -28.19 31.34
N LEU A 149 -6.26 -29.17 31.52
CA LEU A 149 -4.87 -29.03 31.14
C LEU A 149 -4.77 -28.74 29.64
N GLY A 150 -3.96 -27.75 29.29
CA GLY A 150 -3.80 -27.33 27.91
C GLY A 150 -3.23 -28.43 27.04
N PRO A 151 -4.03 -28.95 26.12
CA PRO A 151 -3.57 -30.05 25.27
C PRO A 151 -2.81 -29.54 24.06
N ARG A 152 -1.84 -30.34 23.63
CA ARG A 152 -1.02 -29.97 22.48
C ARG A 152 -1.90 -29.72 21.26
N VAL A 153 -2.81 -30.64 20.97
CA VAL A 153 -3.77 -30.48 19.89
C VAL A 153 -4.89 -31.51 20.02
N ARG A 154 -6.12 -31.13 19.67
CA ARG A 154 -7.26 -32.02 19.77
C ARG A 154 -7.52 -32.82 18.51
N HIS A 155 -7.62 -32.15 17.37
CA HIS A 155 -7.87 -32.80 16.10
C HIS A 155 -7.36 -31.91 14.99
N ILE A 156 -6.77 -32.53 13.97
CA ILE A 156 -6.05 -31.81 12.93
C ILE A 156 -6.71 -32.15 11.60
N TRP A 157 -7.10 -31.11 10.85
CA TRP A 157 -7.57 -31.35 9.49
C TRP A 157 -6.39 -31.71 8.61
N ALA A 158 -6.67 -32.17 7.40
CA ALA A 158 -5.60 -32.72 6.60
C ALA A 158 -5.66 -32.16 5.20
N PRO A 159 -4.54 -32.09 4.51
CA PRO A 159 -4.55 -31.60 3.15
C PRO A 159 -4.92 -32.72 2.21
N LYS A 160 -4.82 -32.46 0.92
CA LYS A 160 -5.01 -33.50 -0.07
C LYS A 160 -4.04 -34.66 0.19
N THR A 161 -4.29 -35.77 -0.48
CA THR A 161 -3.44 -36.94 -0.35
C THR A 161 -2.13 -36.63 -1.07
N GLU A 162 -1.31 -35.82 -0.41
CA GLU A 162 -0.07 -35.32 -0.99
C GLU A 162 1.03 -36.39 -0.88
N GLN A 163 2.11 -36.16 -1.61
CA GLN A 163 3.24 -37.08 -1.58
C GLN A 163 3.91 -37.09 -0.20
N VAL A 164 4.24 -35.91 0.32
CA VAL A 164 4.89 -35.78 1.62
C VAL A 164 4.28 -34.59 2.34
N LEU A 165 4.03 -34.75 3.63
CA LEU A 165 3.51 -33.69 4.48
C LEU A 165 4.52 -33.38 5.59
N LEU A 166 4.10 -32.57 6.54
CA LEU A 166 4.87 -32.30 7.74
C LEU A 166 4.28 -33.10 8.90
N SER A 167 5.13 -33.88 9.57
CA SER A 167 4.66 -34.89 10.50
C SER A 167 3.78 -34.30 11.59
N ASP A 168 2.71 -35.02 11.91
CA ASP A 168 1.78 -34.56 12.95
C ASP A 168 2.50 -34.29 14.26
N GLY A 169 3.47 -35.13 14.61
CA GLY A 169 4.25 -34.88 15.80
C GLY A 169 4.89 -33.51 15.78
N GLU A 170 5.43 -33.11 14.63
CA GLU A 170 5.85 -31.74 14.46
C GLU A 170 4.68 -30.78 14.58
N ILE A 171 3.55 -31.13 13.95
CA ILE A 171 2.37 -30.26 14.02
C ILE A 171 1.86 -30.16 15.44
N THR A 172 1.80 -31.29 16.16
CA THR A 172 1.30 -31.27 17.53
C THR A 172 2.06 -30.28 18.39
N PHE A 173 3.39 -30.29 18.29
CA PHE A 173 4.19 -29.28 18.98
C PHE A 173 3.86 -27.88 18.50
N LEU A 174 3.76 -27.70 17.18
CA LEU A 174 3.49 -26.38 16.64
C LEU A 174 2.16 -25.84 17.15
N ALA A 175 1.15 -26.70 17.20
CA ALA A 175 -0.11 -26.31 17.83
C ALA A 175 0.09 -26.04 19.31
N ASN A 176 0.81 -26.92 20.01
CA ASN A 176 1.12 -26.69 21.40
C ASN A 176 2.00 -25.47 21.60
N HIS A 177 2.67 -25.01 20.56
CA HIS A 177 3.56 -23.86 20.72
C HIS A 177 2.77 -22.58 20.93
N THR A 178 1.69 -22.39 20.19
CA THR A 178 0.83 -21.24 20.44
C THR A 178 0.18 -21.33 21.81
N LEU A 179 -0.06 -22.56 22.28
CA LEU A 179 -0.75 -22.78 23.56
C LEU A 179 -0.15 -21.94 24.67
N ASN A 180 1.10 -22.19 25.03
CA ASN A 180 1.72 -21.44 26.11
C ASN A 180 1.93 -20.00 25.71
N GLY A 181 2.15 -19.74 24.41
CA GLY A 181 2.08 -18.39 23.92
C GLY A 181 0.70 -17.79 24.14
N GLU A 182 -0.34 -18.56 23.83
CA GLU A 182 -1.70 -18.12 24.13
C GLU A 182 -1.91 -17.97 25.63
N ILE A 183 -1.29 -18.84 26.42
CA ILE A 183 -1.40 -18.76 27.87
C ILE A 183 -0.91 -17.41 28.38
N LEU A 184 0.05 -16.81 27.67
CA LEU A 184 0.67 -15.58 28.15
C LEU A 184 -0.31 -14.42 28.24
N ARG A 185 -1.47 -14.51 27.59
CA ARG A 185 -2.46 -13.45 27.64
C ARG A 185 -3.06 -13.34 29.04
N ASN A 186 -3.40 -12.12 29.44
CA ASN A 186 -4.02 -11.83 30.71
C ASN A 186 -5.38 -11.20 30.48
N ALA A 187 -6.33 -11.46 31.41
CA ALA A 187 -7.65 -10.85 31.36
C ALA A 187 -8.31 -11.09 30.00
N GLU A 188 -8.69 -12.36 29.79
CA GLU A 188 -8.72 -13.01 28.49
C GLU A 188 -9.02 -12.07 27.33
N SER A 189 -10.23 -11.51 27.30
CA SER A 189 -10.65 -10.65 26.19
C SER A 189 -12.05 -10.10 26.40
N GLY A 190 -12.52 -9.32 25.44
CA GLY A 190 -13.93 -9.04 25.30
C GLY A 190 -14.44 -9.65 24.01
N ALA A 191 -13.54 -9.81 23.04
CA ALA A 191 -13.87 -10.33 21.73
C ALA A 191 -12.73 -11.20 21.23
N ILE A 192 -13.00 -11.94 20.15
CA ILE A 192 -12.01 -12.85 19.58
C ILE A 192 -10.89 -12.05 18.94
N ASP A 193 -9.64 -12.43 19.23
CA ASP A 193 -8.50 -11.66 18.77
C ASP A 193 -7.51 -12.57 18.05
N VAL A 194 -6.51 -11.94 17.45
CA VAL A 194 -5.70 -12.56 16.42
C VAL A 194 -4.39 -13.07 16.99
N LYS A 195 -3.78 -13.98 16.27
CA LYS A 195 -2.39 -14.37 16.44
C LYS A 195 -1.81 -14.62 15.04
N PHE A 196 -0.49 -14.60 14.95
CA PHE A 196 0.16 -14.88 13.68
C PHE A 196 1.61 -15.22 13.93
N PHE A 197 2.04 -16.40 13.50
CA PHE A 197 3.41 -16.84 13.70
C PHE A 197 4.06 -17.19 12.37
N VAL A 198 5.34 -16.87 12.26
CA VAL A 198 6.20 -17.37 11.20
C VAL A 198 7.43 -17.95 11.88
N LEU A 199 7.65 -19.24 11.70
CA LEU A 199 8.74 -19.94 12.39
C LEU A 199 9.81 -20.29 11.35
N SER A 200 10.90 -19.53 11.36
CA SER A 200 12.00 -19.80 10.43
C SER A 200 12.57 -21.19 10.66
N GLU A 201 12.80 -21.56 11.92
CA GLU A 201 13.08 -22.95 12.24
C GLU A 201 11.80 -23.76 12.07
N LYS A 202 11.91 -24.89 11.38
CA LYS A 202 10.75 -25.68 10.98
C LYS A 202 9.78 -24.82 10.16
N GLY A 203 10.28 -24.39 9.00
CA GLY A 203 9.63 -23.41 8.13
C GLY A 203 8.14 -23.54 7.97
N VAL A 204 7.41 -22.53 8.44
CA VAL A 204 5.95 -22.59 8.52
C VAL A 204 5.43 -21.18 8.75
N ILE A 205 4.18 -20.94 8.37
CA ILE A 205 3.49 -19.69 8.66
C ILE A 205 2.17 -20.01 9.32
N ILE A 206 1.94 -19.43 10.50
CA ILE A 206 0.80 -19.77 11.35
C ILE A 206 0.02 -18.49 11.61
N VAL A 207 -1.31 -18.59 11.58
CA VAL A 207 -2.18 -17.49 11.94
C VAL A 207 -3.27 -18.03 12.88
N SER A 208 -3.08 -17.85 14.16
CA SER A 208 -3.97 -18.40 15.16
C SER A 208 -4.93 -17.33 15.69
N LEU A 209 -5.85 -17.78 16.52
CA LEU A 209 -6.84 -16.91 17.14
C LEU A 209 -6.88 -17.23 18.63
N ILE A 210 -7.34 -16.25 19.40
CA ILE A 210 -7.68 -16.45 20.80
C ILE A 210 -9.18 -16.29 20.94
N PHE A 211 -9.81 -17.19 21.67
CA PHE A 211 -11.25 -17.17 21.83
C PHE A 211 -11.64 -16.34 23.03
N ASP A 212 -12.96 -16.19 23.18
CA ASP A 212 -13.57 -15.63 24.37
C ASP A 212 -14.10 -16.82 25.17
N GLY A 213 -13.72 -16.91 26.44
CA GLY A 213 -14.09 -18.06 27.24
C GLY A 213 -15.58 -18.14 27.50
N ASN A 214 -16.01 -19.33 27.96
CA ASN A 214 -17.41 -19.51 28.30
C ASN A 214 -17.84 -18.57 29.41
N TRP A 215 -17.03 -18.46 30.46
CA TRP A 215 -17.25 -17.48 31.51
C TRP A 215 -16.81 -16.08 31.08
N ASN A 216 -16.13 -15.97 29.94
CA ASN A 216 -15.63 -14.72 29.35
C ASN A 216 -14.44 -14.17 30.13
N GLY A 217 -14.16 -14.74 31.30
CA GLY A 217 -12.98 -14.37 32.07
C GLY A 217 -12.04 -15.54 32.27
N ASP A 218 -12.59 -16.75 32.35
CA ASP A 218 -11.80 -17.98 32.45
C ASP A 218 -11.39 -18.36 31.03
N ARG A 219 -10.09 -18.38 30.78
CA ARG A 219 -9.63 -18.39 29.40
C ARG A 219 -9.87 -19.74 28.77
N SER A 220 -11.13 -20.04 28.47
CA SER A 220 -11.48 -21.28 27.78
C SER A 220 -11.19 -21.12 26.30
N THR A 221 -9.97 -20.71 25.98
CA THR A 221 -9.57 -20.57 24.58
C THR A 221 -9.14 -21.91 24.04
N TYR A 222 -9.42 -22.14 22.77
CA TYR A 222 -8.98 -23.34 22.10
C TYR A 222 -8.14 -23.06 20.88
N GLY A 223 -8.46 -21.99 20.15
CA GLY A 223 -7.62 -21.52 19.08
C GLY A 223 -7.60 -22.43 17.87
N LEU A 224 -7.34 -21.85 16.71
CA LEU A 224 -7.21 -22.63 15.50
C LEU A 224 -6.37 -21.85 14.51
N SER A 225 -5.71 -22.57 13.62
CA SER A 225 -4.86 -21.92 12.63
C SER A 225 -4.55 -22.90 11.52
N ILE A 226 -4.91 -22.53 10.30
CA ILE A 226 -4.37 -23.24 9.15
C ILE A 226 -2.85 -23.07 9.14
N ILE A 227 -2.16 -24.11 8.72
CA ILE A 227 -0.71 -24.15 8.72
C ILE A 227 -0.23 -23.94 7.29
N LEU A 228 0.82 -23.15 7.12
CA LEU A 228 1.19 -22.69 5.80
C LEU A 228 2.66 -22.96 5.53
N PRO A 229 3.02 -23.53 4.39
CA PRO A 229 4.42 -23.82 4.10
C PRO A 229 5.22 -22.53 3.96
N GLN A 230 6.52 -22.66 4.23
CA GLN A 230 7.42 -21.53 4.08
C GLN A 230 7.36 -20.98 2.65
N THR A 231 7.78 -19.73 2.51
CA THR A 231 7.87 -18.99 1.26
C THR A 231 6.51 -18.65 0.67
N GLU A 232 5.42 -18.92 1.37
CA GLU A 232 4.09 -18.58 0.88
C GLU A 232 3.39 -17.57 1.79
N LEU A 233 4.16 -16.66 2.39
CA LEU A 233 3.55 -15.51 3.03
C LEU A 233 3.36 -14.35 2.06
N SER A 234 4.11 -14.32 0.97
CA SER A 234 3.80 -13.40 -0.12
C SER A 234 2.42 -13.68 -0.67
N PHE A 235 2.18 -14.94 -1.03
CA PHE A 235 0.83 -15.39 -1.38
C PHE A 235 -0.18 -15.05 -0.28
N TYR A 236 0.16 -15.38 0.96
CA TYR A 236 -0.80 -15.22 2.06
C TYR A 236 -1.15 -13.77 2.36
N LEU A 237 -0.16 -12.90 2.53
CA LEU A 237 -0.42 -11.68 3.29
C LEU A 237 -1.50 -10.80 2.68
N PRO A 238 -1.56 -10.56 1.37
CA PRO A 238 -2.73 -9.85 0.84
C PRO A 238 -4.03 -10.55 1.18
N LEU A 239 -4.04 -11.88 1.15
CA LEU A 239 -5.21 -12.64 1.55
C LEU A 239 -5.48 -12.55 3.04
N HIS A 240 -4.54 -12.06 3.84
CA HIS A 240 -4.67 -12.20 5.28
C HIS A 240 -5.98 -11.62 5.79
N ARG A 241 -6.45 -10.56 5.14
CA ARG A 241 -7.78 -10.07 5.49
C ARG A 241 -8.84 -11.10 5.17
N VAL A 242 -8.72 -11.77 4.02
CA VAL A 242 -9.68 -12.80 3.65
C VAL A 242 -9.71 -13.92 4.68
N CYS A 243 -8.52 -14.42 5.04
CA CYS A 243 -8.46 -15.60 5.90
C CYS A 243 -9.04 -15.32 7.27
N VAL A 244 -8.62 -14.23 7.90
CA VAL A 244 -9.16 -13.91 9.22
C VAL A 244 -10.66 -13.79 9.14
N ASP A 245 -11.16 -13.15 8.08
CA ASP A 245 -12.60 -13.00 7.91
C ASP A 245 -13.28 -14.36 7.85
N ARG A 246 -12.79 -15.24 6.98
CA ARG A 246 -13.40 -16.56 6.84
C ARG A 246 -13.43 -17.30 8.17
N LEU A 247 -12.30 -17.31 8.87
CA LEU A 247 -12.25 -18.05 10.13
C LEU A 247 -13.02 -17.35 11.24
N THR A 248 -12.92 -16.02 11.34
CA THR A 248 -13.60 -15.36 12.46
C THR A 248 -15.09 -15.58 12.42
N HIS A 249 -15.65 -15.87 11.24
CA HIS A 249 -17.04 -16.28 11.17
C HIS A 249 -17.24 -17.64 11.83
N ILE A 250 -16.30 -18.56 11.64
CA ILE A 250 -16.43 -19.89 12.23
C ILE A 250 -16.58 -19.79 13.74
N ILE A 251 -15.72 -19.00 14.38
CA ILE A 251 -15.83 -18.86 15.82
C ILE A 251 -17.12 -18.16 16.19
N ARG A 252 -17.54 -17.18 15.39
CA ARG A 252 -18.84 -16.56 15.62
C ARG A 252 -19.95 -17.60 15.66
N LYS A 253 -19.92 -18.52 14.70
CA LYS A 253 -20.75 -19.71 14.80
C LYS A 253 -20.36 -20.54 16.00
N GLY A 254 -19.05 -20.71 16.23
CA GLY A 254 -18.60 -21.56 17.32
C GLY A 254 -19.00 -21.03 18.68
N ARG A 255 -18.90 -19.71 18.87
CA ARG A 255 -19.22 -19.09 20.16
C ARG A 255 -20.73 -19.05 20.32
N ILE A 256 -21.27 -20.10 20.94
CA ILE A 256 -22.66 -20.17 21.32
C ILE A 256 -22.86 -20.37 22.82
N TRP A 257 -22.13 -21.28 23.48
CA TRP A 257 -21.08 -22.16 22.96
C TRP A 257 -21.51 -23.60 22.77
N MET A 258 -21.89 -23.94 21.53
CA MET A 258 -22.27 -25.31 21.17
C MET A 258 -23.18 -25.91 22.24
N HIS A 259 -24.26 -25.21 22.52
CA HIS A 259 -25.21 -25.74 23.50
C HIS A 259 -26.06 -26.88 22.94
N LYS A 260 -25.93 -27.18 21.65
CA LYS A 260 -26.39 -28.47 21.14
C LYS A 260 -25.59 -29.61 21.76
N GLU A 261 -24.33 -29.35 22.11
CA GLU A 261 -23.55 -30.27 22.94
C GLU A 261 -23.99 -30.23 24.39
N ARG A 262 -24.83 -29.27 24.76
CA ARG A 262 -25.53 -29.30 26.05
C ARG A 262 -26.87 -30.00 25.91
N GLN A 263 -26.87 -31.20 25.33
CA GLN A 263 -28.13 -31.85 24.98
C GLN A 263 -28.73 -32.51 26.21
N GLU A 264 -29.89 -33.13 26.01
CA GLU A 264 -30.50 -33.96 27.05
C GLU A 264 -29.71 -35.27 27.10
N ASN A 265 -28.82 -35.40 28.08
CA ASN A 265 -27.92 -36.54 28.15
C ASN A 265 -27.51 -36.77 29.59
N VAL A 266 -27.11 -38.01 29.87
CA VAL A 266 -26.72 -38.38 31.23
C VAL A 266 -25.36 -37.80 31.55
N GLN A 267 -25.09 -37.64 32.86
CA GLN A 267 -23.86 -36.99 33.30
C GLN A 267 -22.62 -37.70 32.76
N LYS A 268 -22.72 -38.99 32.44
CA LYS A 268 -21.63 -39.67 31.76
C LYS A 268 -21.36 -39.02 30.41
N ILE A 269 -22.41 -38.68 29.68
CA ILE A 269 -22.25 -37.91 28.46
C ILE A 269 -21.85 -36.47 28.78
N ILE A 270 -22.43 -35.89 29.83
CA ILE A 270 -22.14 -34.52 30.22
C ILE A 270 -20.78 -34.46 30.89
N LEU A 271 -20.12 -35.60 31.01
CA LEU A 271 -18.76 -35.66 31.55
C LEU A 271 -17.80 -34.85 30.69
N ASP A 279 -17.20 -35.65 25.37
CA ASP A 279 -18.26 -34.93 24.68
C ASP A 279 -17.67 -34.03 23.60
N GLN A 280 -16.50 -33.45 23.91
CA GLN A 280 -15.87 -32.48 23.01
C GLN A 280 -15.46 -33.12 21.68
N GLY A 281 -14.75 -34.25 21.73
CA GLY A 281 -14.07 -34.75 20.56
C GLY A 281 -14.94 -35.31 19.45
N GLN A 282 -16.25 -35.36 19.65
CA GLN A 282 -17.14 -35.86 18.62
C GLN A 282 -18.19 -34.85 18.15
N SER A 283 -18.93 -34.22 19.05
CA SER A 283 -20.05 -33.38 18.62
C SER A 283 -19.60 -31.98 18.21
N ILE A 284 -18.37 -31.58 18.51
CA ILE A 284 -17.84 -30.27 18.14
C ILE A 284 -17.33 -30.26 16.71
N ILE A 285 -16.73 -31.36 16.26
CA ILE A 285 -16.08 -31.37 14.96
C ILE A 285 -17.06 -31.21 13.79
N PRO A 286 -18.33 -31.73 13.83
CA PRO A 286 -19.15 -31.67 12.62
C PRO A 286 -19.40 -30.28 12.06
N MET A 287 -20.03 -29.41 12.85
CA MET A 287 -20.25 -28.05 12.39
C MET A 287 -18.93 -27.32 12.19
N LEU A 288 -17.89 -27.78 12.88
CA LEU A 288 -16.56 -27.25 12.60
C LEU A 288 -16.02 -27.81 11.30
N THR A 289 -16.24 -29.10 11.03
CA THR A 289 -15.65 -29.72 9.84
C THR A 289 -16.12 -29.02 8.58
N GLY A 290 -17.42 -29.13 8.28
CA GLY A 290 -17.90 -28.64 7.00
C GLY A 290 -17.61 -27.17 6.78
N GLU A 291 -17.82 -26.37 7.82
CA GLU A 291 -17.63 -24.93 7.71
C GLU A 291 -16.17 -24.53 7.61
N VAL A 292 -15.23 -25.43 7.85
CA VAL A 292 -13.83 -25.13 7.62
C VAL A 292 -13.30 -25.84 6.37
N ILE A 293 -14.07 -26.78 5.80
CA ILE A 293 -13.63 -27.43 4.57
C ILE A 293 -13.34 -26.43 3.45
N PRO A 294 -14.24 -25.50 3.11
CA PRO A 294 -13.97 -24.63 1.94
C PRO A 294 -12.72 -23.80 2.08
N VAL A 295 -12.32 -23.49 3.32
CA VAL A 295 -11.22 -22.55 3.53
C VAL A 295 -9.97 -23.03 2.82
N MET A 296 -9.62 -24.30 2.98
CA MET A 296 -8.49 -24.82 2.22
C MET A 296 -8.76 -24.76 0.72
N GLU A 297 -9.97 -25.16 0.30
CA GLU A 297 -10.30 -25.04 -1.11
C GLU A 297 -10.26 -23.58 -1.55
N LEU A 298 -10.79 -22.67 -0.73
CA LEU A 298 -10.74 -21.26 -1.07
C LEU A 298 -9.30 -20.80 -1.23
N LEU A 299 -8.45 -21.13 -0.27
CA LEU A 299 -7.04 -20.76 -0.36
C LEU A 299 -6.37 -21.43 -1.56
N SER A 300 -6.69 -22.70 -1.78
CA SER A 300 -6.14 -23.37 -2.95
C SER A 300 -6.84 -22.98 -4.23
N SER A 301 -7.96 -22.26 -4.14
CA SER A 301 -8.65 -21.82 -5.35
C SER A 301 -7.79 -20.87 -6.16
N MET A 302 -7.16 -19.90 -5.50
CA MET A 302 -6.41 -18.87 -6.20
C MET A 302 -5.19 -19.43 -6.93
N LYS A 303 -4.64 -20.55 -6.49
CA LYS A 303 -3.63 -21.22 -7.30
C LYS A 303 -4.26 -21.76 -8.58
N SER A 304 -5.48 -22.29 -8.49
CA SER A 304 -6.16 -22.87 -9.65
C SER A 304 -6.65 -21.78 -10.59
N HIS A 305 -7.54 -20.92 -10.09
CA HIS A 305 -7.89 -19.70 -10.82
C HIS A 305 -6.70 -18.77 -10.69
N SER A 306 -5.72 -18.97 -11.57
CA SER A 306 -4.43 -18.32 -11.43
C SER A 306 -4.57 -16.83 -11.73
N VAL A 307 -5.23 -16.11 -10.84
CA VAL A 307 -5.50 -14.69 -11.06
C VAL A 307 -4.19 -13.95 -11.28
N PRO A 308 -4.09 -13.11 -12.31
CA PRO A 308 -2.78 -12.59 -12.71
C PRO A 308 -2.08 -11.90 -11.56
N GLU A 309 -0.90 -12.43 -11.22
CA GLU A 309 -0.16 -11.91 -10.09
C GLU A 309 0.44 -10.54 -10.39
N GLU A 310 1.12 -10.43 -11.52
CA GLU A 310 1.98 -9.28 -11.75
C GLU A 310 1.48 -8.39 -12.89
N ILE A 311 1.34 -8.94 -14.09
CA ILE A 311 1.16 -8.12 -15.28
C ILE A 311 0.34 -8.90 -16.30
N ASP A 312 -0.09 -8.21 -17.34
CA ASP A 312 -0.90 -8.75 -18.43
C ASP A 312 -0.76 -7.86 -19.65
N ILE A 313 -0.68 -8.49 -20.83
CA ILE A 313 -0.30 -7.83 -22.07
C ILE A 313 -1.53 -7.20 -22.70
N ALA A 314 -2.60 -7.11 -21.91
CA ALA A 314 -3.91 -6.72 -22.40
C ALA A 314 -4.45 -7.79 -23.35
N ASP A 315 -4.51 -9.01 -22.84
CA ASP A 315 -5.39 -10.04 -23.37
C ASP A 315 -6.80 -9.79 -22.96
N THR A 316 -6.87 -8.61 -22.36
CA THR A 316 -8.09 -7.94 -21.98
C THR A 316 -8.78 -7.39 -23.22
N VAL A 317 -9.83 -6.59 -23.02
CA VAL A 317 -10.55 -6.04 -24.16
C VAL A 317 -9.72 -4.99 -24.88
N LEU A 318 -9.06 -4.11 -24.13
CA LEU A 318 -8.59 -2.85 -24.68
C LEU A 318 -7.59 -3.04 -25.81
N ASN A 319 -6.99 -4.21 -25.94
CA ASN A 319 -6.02 -4.39 -27.01
C ASN A 319 -6.66 -4.33 -28.38
N ASP A 320 -7.97 -4.49 -28.48
CA ASP A 320 -8.62 -4.38 -29.77
C ASP A 320 -8.62 -2.94 -30.25
N ASP A 321 -8.83 -2.76 -31.55
CA ASP A 321 -8.86 -1.42 -32.13
C ASP A 321 -10.00 -0.60 -31.53
N ASP A 322 -11.24 -1.01 -31.78
CA ASP A 322 -12.40 -0.33 -31.23
C ASP A 322 -13.64 -1.17 -31.41
N ILE A 323 -14.43 -1.32 -30.35
CA ILE A 323 -15.63 -2.15 -30.43
C ILE A 323 -16.68 -1.51 -31.32
N GLY A 324 -16.83 -0.18 -31.22
CA GLY A 324 -17.66 0.58 -32.13
C GLY A 324 -19.08 0.09 -32.34
N ASP A 325 -19.91 0.20 -31.31
CA ASP A 325 -21.34 -0.08 -31.47
C ASP A 325 -22.08 0.48 -30.28
N SER A 326 -23.40 0.70 -30.45
CA SER A 326 -24.19 1.31 -29.40
C SER A 326 -24.27 0.43 -28.16
N CYS A 327 -24.45 -0.87 -28.34
CA CYS A 327 -24.69 -1.74 -27.19
C CYS A 327 -23.42 -2.02 -26.42
N HIS A 328 -22.44 -2.65 -27.08
CA HIS A 328 -21.26 -3.11 -26.36
C HIS A 328 -20.42 -1.94 -25.85
N GLU A 329 -20.12 -0.99 -26.73
CA GLU A 329 -19.35 0.18 -26.30
C GLU A 329 -20.14 0.97 -25.26
N GLY A 330 -21.44 1.12 -25.46
CA GLY A 330 -22.26 1.74 -24.44
C GLY A 330 -22.27 0.94 -23.16
N PHE A 331 -22.27 -0.40 -23.29
CA PHE A 331 -22.08 -1.25 -22.13
C PHE A 331 -20.72 -1.03 -21.48
N LEU A 332 -19.65 -1.07 -22.27
CA LEU A 332 -18.31 -1.12 -21.71
C LEU A 332 -18.06 0.03 -20.74
N LEU A 333 -18.53 1.22 -21.10
CA LEU A 333 -18.47 2.35 -20.17
C LEU A 333 -19.36 2.12 -18.96
N ASN A 334 -20.54 1.53 -19.17
CA ASN A 334 -21.48 1.38 -18.06
C ASN A 334 -20.89 0.50 -16.97
N ALA A 335 -20.14 -0.52 -17.34
CA ALA A 335 -19.58 -1.42 -16.35
C ALA A 335 -18.41 -0.78 -15.62
N ILE A 336 -17.42 -0.28 -16.37
CA ILE A 336 -16.20 0.23 -15.75
C ILE A 336 -16.52 1.36 -14.78
N SER A 337 -17.41 2.27 -15.17
CA SER A 337 -17.88 3.26 -14.22
C SER A 337 -18.45 2.57 -12.99
N SER A 338 -19.38 1.64 -13.20
CA SER A 338 -19.91 0.88 -12.07
C SER A 338 -18.83 0.11 -11.36
N HIS A 339 -17.84 -0.40 -12.10
CA HIS A 339 -16.71 -1.08 -11.46
C HIS A 339 -15.97 -0.17 -10.50
N LEU A 340 -16.10 1.14 -10.67
CA LEU A 340 -15.35 2.10 -9.87
C LEU A 340 -16.16 2.76 -8.76
N GLN A 341 -17.38 3.23 -9.05
CA GLN A 341 -18.13 3.88 -7.97
C GLN A 341 -18.36 2.94 -6.81
N THR A 342 -18.30 1.63 -7.05
CA THR A 342 -18.08 0.67 -5.98
C THR A 342 -16.65 0.16 -6.10
N CYS A 343 -16.00 -0.04 -4.96
CA CYS A 343 -14.58 -0.38 -4.97
C CYS A 343 -14.34 -1.70 -5.67
N GLY A 344 -15.14 -2.72 -5.34
CA GLY A 344 -14.85 -4.08 -5.71
C GLY A 344 -15.82 -4.73 -6.67
N CYS A 345 -15.29 -5.14 -7.82
CA CYS A 345 -16.11 -5.67 -8.88
C CYS A 345 -16.80 -6.95 -8.43
N SER A 346 -17.73 -7.42 -9.26
CA SER A 346 -18.41 -8.68 -8.99
C SER A 346 -18.27 -9.63 -10.15
N VAL A 347 -19.05 -10.69 -10.11
CA VAL A 347 -18.83 -11.79 -11.02
C VAL A 347 -18.97 -11.32 -12.47
N VAL A 348 -18.17 -11.91 -13.34
CA VAL A 348 -18.47 -11.92 -14.78
C VAL A 348 -19.30 -13.18 -15.01
N VAL A 349 -20.60 -13.08 -14.73
CA VAL A 349 -21.44 -14.28 -14.74
C VAL A 349 -21.93 -14.56 -16.15
N GLY A 350 -21.14 -15.30 -16.91
CA GLY A 350 -21.45 -15.53 -18.31
C GLY A 350 -21.53 -16.99 -18.68
N SER A 351 -21.35 -17.30 -19.97
CA SER A 351 -21.42 -18.69 -20.41
C SER A 351 -20.39 -19.01 -21.49
N SER A 352 -19.32 -18.25 -21.61
CA SER A 352 -18.28 -18.51 -22.61
C SER A 352 -17.00 -19.09 -22.02
N ALA A 353 -16.68 -18.72 -20.77
CA ALA A 353 -15.51 -19.18 -20.05
C ALA A 353 -14.22 -18.66 -20.66
N GLU A 354 -14.32 -18.03 -21.83
CA GLU A 354 -13.22 -17.27 -22.39
C GLU A 354 -13.61 -15.82 -22.63
N LYS A 355 -14.68 -15.57 -23.37
CA LYS A 355 -15.24 -14.23 -23.41
C LYS A 355 -15.76 -13.83 -22.04
N VAL A 356 -16.04 -14.79 -21.17
CA VAL A 356 -16.33 -14.47 -19.78
C VAL A 356 -15.08 -13.97 -19.08
N ASN A 357 -13.93 -14.57 -19.39
CA ASN A 357 -12.69 -14.23 -18.73
C ASN A 357 -11.96 -13.06 -19.38
N LYS A 358 -12.42 -12.59 -20.53
CA LYS A 358 -11.82 -11.43 -21.17
C LYS A 358 -12.43 -10.12 -20.69
N ILE A 359 -13.30 -10.16 -19.69
CA ILE A 359 -13.77 -8.96 -19.02
C ILE A 359 -13.19 -8.84 -17.62
N VAL A 360 -13.06 -9.96 -16.92
CA VAL A 360 -12.54 -9.93 -15.56
C VAL A 360 -11.08 -9.49 -15.54
N ARG A 361 -10.31 -9.86 -16.57
CA ARG A 361 -8.94 -9.36 -16.62
C ARG A 361 -8.87 -7.92 -17.09
N THR A 362 -9.93 -7.41 -17.73
CA THR A 362 -9.93 -6.03 -18.20
C THR A 362 -10.31 -5.06 -17.08
N LEU A 363 -11.47 -5.27 -16.47
CA LEU A 363 -11.95 -4.44 -15.37
C LEU A 363 -11.03 -4.48 -14.15
N CYS A 364 -9.99 -5.31 -14.15
CA CYS A 364 -9.01 -5.35 -13.08
C CYS A 364 -7.74 -4.58 -13.40
N LEU A 365 -7.65 -3.93 -14.57
CA LEU A 365 -6.61 -2.94 -14.77
C LEU A 365 -6.85 -1.70 -13.91
N PHE A 366 -8.04 -1.57 -13.33
CA PHE A 366 -8.44 -0.40 -12.57
C PHE A 366 -8.22 -0.57 -11.08
N LEU A 367 -7.37 -1.50 -10.68
CA LEU A 367 -7.19 -1.78 -9.26
C LEU A 367 -5.72 -2.04 -8.97
N THR A 368 -5.37 -1.93 -7.68
CA THR A 368 -3.99 -1.84 -7.26
C THR A 368 -3.23 -3.12 -7.55
N PRO A 369 -1.90 -3.05 -7.60
CA PRO A 369 -1.11 -4.29 -7.73
C PRO A 369 -1.33 -5.25 -6.59
N ALA A 370 -1.63 -4.75 -5.39
CA ALA A 370 -2.05 -5.63 -4.31
C ALA A 370 -3.43 -6.21 -4.57
N GLU A 371 -4.16 -5.68 -5.56
CA GLU A 371 -5.44 -6.22 -5.97
C GLU A 371 -5.35 -6.96 -7.30
N ARG A 372 -4.15 -7.13 -7.85
CA ARG A 372 -3.99 -8.15 -8.87
C ARG A 372 -4.39 -9.51 -8.31
N LYS A 373 -4.25 -9.69 -7.00
CA LYS A 373 -4.83 -10.79 -6.25
C LYS A 373 -6.15 -10.34 -5.66
N CYS A 374 -6.73 -11.17 -4.78
CA CYS A 374 -8.10 -10.96 -4.30
C CYS A 374 -9.06 -10.85 -5.47
N SER A 375 -8.74 -11.54 -6.56
CA SER A 375 -9.58 -11.60 -7.75
C SER A 375 -9.51 -13.03 -8.26
N ARG A 376 -10.41 -13.37 -9.18
CA ARG A 376 -10.44 -14.74 -9.70
C ARG A 376 -10.72 -14.75 -11.18
N LEU A 377 -9.89 -15.48 -11.91
CA LEU A 377 -10.13 -15.80 -13.31
C LEU A 377 -10.92 -17.10 -13.35
N CYS A 378 -12.23 -17.01 -13.59
CA CYS A 378 -13.11 -18.15 -13.39
C CYS A 378 -12.82 -19.25 -14.42
N GLU A 379 -13.00 -20.49 -13.97
CA GLU A 379 -12.61 -21.67 -14.73
C GLU A 379 -13.85 -22.50 -15.07
N ALA A 380 -13.75 -23.26 -16.16
CA ALA A 380 -14.90 -23.94 -16.75
C ALA A 380 -15.36 -25.06 -15.83
N GLU A 381 -16.43 -24.80 -15.09
CA GLU A 381 -17.08 -25.78 -14.22
C GLU A 381 -16.10 -26.33 -13.17
N SER A 382 -15.68 -25.43 -12.28
CA SER A 382 -14.86 -25.82 -11.14
C SER A 382 -15.62 -25.77 -9.83
N SER A 383 -16.96 -25.79 -9.88
CA SER A 383 -17.80 -26.01 -8.71
C SER A 383 -17.47 -25.05 -7.57
N PHE A 384 -17.29 -23.79 -7.93
CA PHE A 384 -16.80 -22.77 -7.01
C PHE A 384 -17.85 -21.68 -6.82
N LYS A 385 -18.25 -21.49 -5.57
CA LYS A 385 -19.39 -20.66 -5.23
C LYS A 385 -18.98 -19.18 -5.19
N TYR A 386 -19.86 -18.36 -4.62
CA TYR A 386 -19.56 -16.97 -4.31
C TYR A 386 -18.95 -16.91 -2.92
N GLU A 387 -17.70 -16.46 -2.82
CA GLU A 387 -17.03 -16.33 -1.55
C GLU A 387 -16.85 -14.85 -1.23
N SER A 388 -17.31 -14.46 -0.05
CA SER A 388 -17.50 -13.04 0.26
C SER A 388 -16.21 -12.26 0.18
N GLY A 389 -15.11 -12.83 0.65
CA GLY A 389 -13.89 -12.09 0.90
C GLY A 389 -13.35 -11.25 -0.23
N LEU A 390 -12.85 -11.88 -1.29
CA LEU A 390 -12.23 -11.11 -2.34
C LEU A 390 -13.29 -10.32 -3.09
N PHE A 391 -12.86 -9.30 -3.83
CA PHE A 391 -13.78 -8.38 -4.46
C PHE A 391 -13.52 -8.16 -5.96
N VAL A 392 -12.99 -9.19 -6.62
CA VAL A 392 -13.33 -9.54 -8.01
C VAL A 392 -13.44 -11.06 -8.06
N GLN A 393 -14.41 -11.59 -8.80
CA GLN A 393 -14.87 -12.96 -8.58
C GLN A 393 -15.16 -13.62 -9.93
N GLY A 394 -15.89 -14.72 -9.90
CA GLY A 394 -16.42 -15.29 -11.13
C GLY A 394 -17.37 -16.44 -10.84
N LEU A 395 -18.16 -16.77 -11.85
CA LEU A 395 -18.72 -18.11 -12.00
C LEU A 395 -19.07 -18.30 -13.48
N LEU A 396 -19.87 -19.32 -13.76
CA LEU A 396 -20.27 -19.64 -15.12
C LEU A 396 -21.66 -20.25 -15.12
N LYS A 397 -22.46 -19.88 -16.12
CA LYS A 397 -23.76 -20.48 -16.44
C LYS A 397 -24.81 -20.19 -15.37
N ASP A 398 -24.47 -19.54 -14.27
CA ASP A 398 -25.42 -19.20 -13.22
C ASP A 398 -26.23 -20.42 -12.77
N SER A 399 -25.52 -21.53 -12.56
CA SER A 399 -26.09 -22.78 -12.04
C SER A 399 -27.14 -23.39 -12.96
N THR A 400 -27.18 -22.96 -14.22
CA THR A 400 -28.18 -23.42 -15.19
C THR A 400 -29.59 -23.26 -14.63
N GLY A 401 -29.94 -22.00 -14.41
CA GLY A 401 -31.23 -21.65 -13.83
C GLY A 401 -31.06 -20.46 -12.93
N SER A 402 -32.10 -20.20 -12.13
CA SER A 402 -32.05 -19.13 -11.16
C SER A 402 -31.24 -19.58 -9.95
N PHE A 403 -30.24 -18.81 -9.58
CA PHE A 403 -29.37 -19.14 -8.45
C PHE A 403 -29.28 -17.94 -7.51
N VAL A 404 -29.36 -18.22 -6.21
CA VAL A 404 -29.23 -17.17 -5.21
C VAL A 404 -27.83 -16.56 -5.29
N LEU A 405 -27.71 -15.34 -4.78
CA LEU A 405 -26.48 -14.56 -4.94
C LEU A 405 -25.24 -15.31 -4.46
N PRO A 406 -25.20 -15.94 -3.28
CA PRO A 406 -26.15 -16.02 -2.16
C PRO A 406 -26.35 -14.70 -1.44
N PHE A 407 -27.63 -14.31 -1.31
CA PHE A 407 -27.98 -13.02 -0.74
C PHE A 407 -27.34 -12.80 0.61
N ARG A 408 -27.18 -13.85 1.40
CA ARG A 408 -26.55 -13.70 2.70
C ARG A 408 -25.06 -13.39 2.55
N GLN A 409 -24.39 -14.09 1.63
CA GLN A 409 -22.95 -13.97 1.53
C GLN A 409 -22.49 -12.69 0.85
N VAL A 410 -23.37 -12.02 0.12
CA VAL A 410 -22.93 -10.83 -0.61
C VAL A 410 -22.69 -9.67 0.35
N MET A 411 -23.50 -9.58 1.40
CA MET A 411 -23.25 -8.56 2.42
C MET A 411 -21.89 -8.76 3.08
N TYR A 412 -21.51 -10.01 3.33
CA TYR A 412 -20.26 -10.28 4.01
C TYR A 412 -19.04 -10.01 3.15
N ALA A 413 -19.24 -9.43 1.97
CA ALA A 413 -18.16 -8.87 1.18
C ALA A 413 -17.75 -7.52 1.75
N PRO A 414 -16.51 -7.08 1.50
CA PRO A 414 -16.06 -5.80 2.06
C PRO A 414 -16.70 -4.59 1.42
N TYR A 415 -17.39 -4.75 0.30
CA TYR A 415 -17.95 -3.62 -0.43
C TYR A 415 -19.25 -4.06 -1.06
N PRO A 416 -20.11 -3.13 -1.45
CA PRO A 416 -21.08 -3.42 -2.49
C PRO A 416 -20.37 -3.76 -3.78
N THR A 417 -21.10 -4.32 -4.73
CA THR A 417 -20.46 -4.84 -5.93
C THR A 417 -21.44 -4.84 -7.09
N THR A 418 -20.92 -5.12 -8.28
CA THR A 418 -21.70 -5.04 -9.51
C THR A 418 -22.50 -6.33 -9.71
N HIS A 419 -23.10 -6.47 -10.89
CA HIS A 419 -23.70 -7.74 -11.32
C HIS A 419 -23.46 -7.93 -12.81
N ILE A 420 -22.22 -7.66 -13.24
CA ILE A 420 -21.87 -7.69 -14.66
C ILE A 420 -22.32 -8.98 -15.31
N ASP A 421 -22.64 -8.89 -16.59
CA ASP A 421 -22.95 -10.06 -17.41
C ASP A 421 -22.05 -10.06 -18.62
N VAL A 422 -22.13 -11.14 -19.39
CA VAL A 422 -21.66 -11.14 -20.77
C VAL A 422 -22.75 -11.83 -21.57
N ASP A 423 -23.73 -12.40 -20.87
CA ASP A 423 -24.90 -12.94 -21.55
C ASP A 423 -25.83 -11.81 -21.99
N VAL A 424 -26.33 -11.03 -21.02
CA VAL A 424 -27.25 -9.94 -21.32
C VAL A 424 -26.52 -8.65 -21.68
N ASN A 425 -25.24 -8.53 -21.34
CA ASN A 425 -24.47 -7.30 -21.54
C ASN A 425 -25.07 -6.14 -20.73
N THR A 426 -25.52 -6.42 -19.51
CA THR A 426 -26.06 -5.39 -18.62
C THR A 426 -25.18 -5.26 -17.39
N VAL A 427 -25.65 -4.42 -16.45
CA VAL A 427 -24.93 -4.12 -15.21
C VAL A 427 -25.97 -3.84 -14.13
N LYS A 428 -25.58 -3.98 -12.87
CA LYS A 428 -26.39 -3.58 -11.73
C LYS A 428 -25.46 -3.06 -10.64
N GLN A 429 -26.02 -2.75 -9.46
CA GLN A 429 -25.20 -2.35 -8.32
C GLN A 429 -26.04 -2.20 -7.07
N MET A 430 -25.39 -2.38 -5.91
CA MET A 430 -26.00 -2.23 -4.59
C MET A 430 -25.82 -0.79 -4.07
N PRO A 431 -26.46 -0.47 -2.95
CA PRO A 431 -26.53 0.94 -2.50
C PRO A 431 -25.17 1.54 -2.19
N PRO A 432 -25.10 2.84 -1.87
CA PRO A 432 -23.80 3.49 -1.67
C PRO A 432 -22.99 2.87 -0.55
N CYS A 433 -21.66 2.84 -0.77
CA CYS A 433 -20.81 1.81 -0.20
C CYS A 433 -20.83 1.78 1.32
N HIS A 434 -21.05 2.91 1.97
CA HIS A 434 -20.91 2.87 3.41
C HIS A 434 -22.00 3.60 4.18
N GLU A 435 -22.85 4.36 3.51
CA GLU A 435 -23.96 4.95 4.25
C GLU A 435 -25.16 4.00 4.33
N HIS A 436 -25.16 2.91 3.56
CA HIS A 436 -26.31 2.01 3.55
C HIS A 436 -25.98 0.52 3.62
N ILE A 437 -24.80 0.07 3.17
CA ILE A 437 -24.43 -1.31 3.44
C ILE A 437 -24.24 -1.56 4.93
N TYR A 438 -23.62 -0.61 5.63
CA TYR A 438 -23.52 -0.77 7.08
C TYR A 438 -24.90 -0.88 7.72
N ASN A 439 -25.85 -0.03 7.32
CA ASN A 439 -27.18 -0.14 7.89
C ASN A 439 -27.82 -1.46 7.48
N GLN A 440 -27.65 -1.85 6.21
CA GLN A 440 -28.05 -3.20 5.81
C GLN A 440 -27.26 -4.25 6.57
N ARG A 441 -25.96 -4.01 6.78
CA ARG A 441 -25.18 -4.92 7.61
C ARG A 441 -25.77 -5.01 9.01
N ARG A 442 -26.19 -3.88 9.57
CA ARG A 442 -26.75 -3.90 10.92
C ARG A 442 -28.02 -4.74 10.97
N TYR A 443 -28.83 -4.68 9.92
CA TYR A 443 -30.05 -5.49 9.88
C TYR A 443 -29.74 -6.97 9.94
N MET A 444 -28.78 -7.43 9.14
CA MET A 444 -28.62 -8.85 8.89
C MET A 444 -27.44 -9.49 9.62
N ARG A 445 -26.44 -8.71 10.03
CA ARG A 445 -25.28 -9.31 10.67
C ARG A 445 -25.65 -10.04 11.95
N SER A 446 -26.71 -9.60 12.63
CA SER A 446 -27.12 -10.20 13.88
C SER A 446 -28.23 -11.23 13.73
N GLU A 447 -28.72 -11.44 12.50
CA GLU A 447 -29.81 -12.39 12.31
C GLU A 447 -29.38 -13.80 12.69
N LEU A 448 -28.14 -14.16 12.37
CA LEU A 448 -27.63 -15.51 12.60
C LEU A 448 -27.85 -15.98 14.03
N ILE A 478 -28.56 -7.08 -7.61
CA ILE A 478 -29.03 -6.58 -8.90
C ILE A 478 -29.94 -5.39 -8.67
N PHE A 479 -29.53 -4.47 -7.80
CA PHE A 479 -30.49 -3.52 -7.24
C PHE A 479 -30.75 -2.35 -8.20
N GLN A 480 -29.73 -1.59 -8.55
CA GLN A 480 -29.90 -0.50 -9.51
C GLN A 480 -28.90 -0.64 -10.65
N ASP A 481 -29.25 -0.05 -11.79
CA ASP A 481 -28.33 0.10 -12.90
C ASP A 481 -27.52 1.38 -12.74
N VAL A 482 -26.50 1.54 -13.59
CA VAL A 482 -25.64 2.72 -13.51
C VAL A 482 -26.45 3.95 -13.91
N LEU A 483 -26.74 4.80 -12.94
CA LEU A 483 -27.49 6.03 -13.16
C LEU A 483 -26.59 7.21 -13.50
N HIS A 484 -25.28 7.05 -13.43
CA HIS A 484 -24.36 8.16 -13.54
C HIS A 484 -23.39 7.91 -14.69
N ARG A 485 -22.99 8.99 -15.36
CA ARG A 485 -22.06 8.93 -16.48
C ARG A 485 -20.98 9.98 -16.24
N ASP A 486 -19.91 9.57 -15.59
CA ASP A 486 -18.75 10.44 -15.42
C ASP A 486 -18.21 10.89 -16.76
N THR A 487 -18.10 12.20 -16.95
CA THR A 487 -17.40 12.70 -18.11
C THR A 487 -15.95 12.26 -18.11
N LEU A 488 -15.34 12.18 -16.94
CA LEU A 488 -13.93 11.85 -16.85
C LEU A 488 -13.67 10.45 -17.39
N VAL A 489 -14.53 9.49 -17.04
CA VAL A 489 -14.34 8.16 -17.59
C VAL A 489 -14.87 8.10 -19.02
N LYS A 490 -15.99 8.78 -19.31
CA LYS A 490 -16.42 8.89 -20.70
C LYS A 490 -15.31 9.48 -21.53
N ALA A 491 -14.58 10.43 -20.96
CA ALA A 491 -13.38 10.88 -21.63
C ALA A 491 -12.47 9.67 -21.80
N PHE A 492 -11.95 9.15 -20.68
CA PHE A 492 -10.87 8.18 -20.73
C PHE A 492 -11.12 7.12 -21.79
N LEU A 493 -12.21 6.37 -21.63
CA LEU A 493 -12.49 5.25 -22.52
C LEU A 493 -12.63 5.69 -23.96
N ASP A 494 -13.11 6.91 -24.20
CA ASP A 494 -13.36 7.35 -25.57
C ASP A 494 -12.07 7.42 -26.37
N GLN A 495 -11.01 7.98 -25.80
CA GLN A 495 -9.78 8.12 -26.56
C GLN A 495 -8.79 6.99 -26.34
N VAL A 496 -8.95 6.17 -25.30
CA VAL A 496 -7.98 5.09 -25.08
C VAL A 496 -7.84 4.23 -26.32
N PHE A 497 -8.97 3.85 -26.92
CA PHE A 497 -8.93 3.17 -28.20
C PHE A 497 -8.38 4.06 -29.30
N GLN A 498 -8.44 5.38 -29.15
CA GLN A 498 -7.90 6.24 -30.19
C GLN A 498 -6.38 6.28 -30.20
N LEU A 499 -5.71 5.72 -29.19
CA LEU A 499 -4.25 5.78 -29.14
C LEU A 499 -3.56 4.77 -30.03
N LYS A 500 -4.23 4.26 -31.05
CA LYS A 500 -3.62 3.28 -31.94
C LYS A 500 -3.17 2.06 -31.15
N PRO A 501 -4.11 1.22 -30.68
CA PRO A 501 -3.72 0.10 -29.81
C PRO A 501 -2.82 -0.92 -30.46
N GLY A 502 -2.41 -1.91 -29.67
CA GLY A 502 -1.43 -2.88 -30.08
C GLY A 502 -0.09 -2.62 -29.43
N LEU A 503 0.27 -1.34 -29.35
CA LEU A 503 1.53 -0.93 -28.74
C LEU A 503 1.40 -0.88 -27.23
N SER A 504 2.38 -0.27 -26.56
CA SER A 504 2.38 -0.14 -25.11
C SER A 504 1.63 1.12 -24.64
N LEU A 505 0.99 1.84 -25.55
CA LEU A 505 0.54 3.18 -25.24
C LEU A 505 -0.57 3.20 -24.20
N ARG A 506 -1.60 2.37 -24.40
CA ARG A 506 -2.79 2.47 -23.56
C ARG A 506 -2.45 2.28 -22.09
N SER A 507 -1.61 1.28 -21.78
CA SER A 507 -1.24 1.01 -20.39
C SER A 507 -0.69 2.26 -19.73
N THR A 508 0.27 2.91 -20.37
CA THR A 508 0.79 4.17 -19.85
C THR A 508 -0.33 5.16 -19.64
N PHE A 509 -1.17 5.35 -20.67
CA PHE A 509 -2.31 6.25 -20.53
C PHE A 509 -3.19 5.80 -19.39
N LEU A 510 -3.42 4.50 -19.28
CA LEU A 510 -4.23 4.00 -18.18
C LEU A 510 -3.67 4.47 -16.84
N ALA A 511 -2.39 4.24 -16.61
CA ALA A 511 -1.80 4.63 -15.33
C ALA A 511 -1.93 6.13 -15.13
N GLN A 512 -1.62 6.91 -16.16
CA GLN A 512 -1.74 8.36 -16.04
C GLN A 512 -3.17 8.75 -15.71
N PHE A 513 -4.14 8.11 -16.35
CA PHE A 513 -5.50 8.23 -15.88
C PHE A 513 -5.58 7.82 -14.42
N LEU A 514 -5.09 6.63 -14.10
CA LEU A 514 -5.19 6.17 -12.72
C LEU A 514 -4.45 7.09 -11.78
N LEU A 515 -3.23 7.50 -12.17
CA LEU A 515 -2.43 8.37 -11.32
C LEU A 515 -3.24 9.58 -10.89
N VAL A 516 -3.99 10.16 -11.82
CA VAL A 516 -4.82 11.30 -11.50
C VAL A 516 -5.76 10.95 -10.36
N LEU A 517 -6.44 9.81 -10.45
CA LEU A 517 -7.46 9.50 -9.47
C LEU A 517 -6.87 9.41 -8.06
N HIS A 518 -5.79 8.65 -7.90
CA HIS A 518 -5.17 8.58 -6.57
C HIS A 518 -4.73 9.94 -6.10
N ARG A 519 -3.98 10.67 -6.94
CA ARG A 519 -3.62 12.02 -6.55
C ARG A 519 -4.86 12.86 -6.30
N LYS A 520 -5.80 12.82 -7.23
CA LYS A 520 -7.02 13.58 -6.99
C LYS A 520 -7.80 13.00 -5.82
N ALA A 521 -7.66 11.71 -5.54
CA ALA A 521 -8.18 11.21 -4.29
C ALA A 521 -7.42 11.78 -3.10
N LEU A 522 -6.10 11.84 -3.22
CA LEU A 522 -5.27 12.23 -2.09
C LEU A 522 -5.57 13.65 -1.64
N THR A 523 -5.81 14.56 -2.60
CA THR A 523 -6.23 15.90 -2.24
C THR A 523 -7.48 15.85 -1.38
N LEU A 524 -8.49 15.13 -1.85
CA LEU A 524 -9.75 15.04 -1.11
C LEU A 524 -9.52 14.44 0.25
N ILE A 525 -8.60 13.47 0.36
CA ILE A 525 -8.18 12.99 1.66
C ILE A 525 -7.67 14.15 2.50
N LYS A 526 -6.65 14.83 1.99
CA LYS A 526 -6.07 15.95 2.73
C LYS A 526 -7.10 17.05 2.93
N TYR A 527 -7.89 17.33 1.90
CA TYR A 527 -8.86 18.42 1.97
C TYR A 527 -9.76 18.28 3.18
N ILE A 528 -10.49 17.18 3.26
CA ILE A 528 -11.47 17.05 4.34
C ILE A 528 -10.78 16.87 5.67
N GLU A 529 -9.72 16.08 5.72
CA GLU A 529 -8.95 15.95 6.96
C GLU A 529 -8.28 17.25 7.37
N ASP A 530 -8.18 18.22 6.46
CA ASP A 530 -7.67 19.54 6.83
C ASP A 530 -8.66 20.27 7.73
N ASP A 531 -9.92 20.34 7.34
CA ASP A 531 -10.91 21.01 8.17
C ASP A 531 -11.06 20.25 9.47
N THR A 532 -10.55 20.84 10.55
CA THR A 532 -10.45 20.15 11.84
C THR A 532 -11.79 19.58 12.27
N GLN A 533 -11.87 18.26 12.35
CA GLN A 533 -13.11 17.59 12.74
C GLN A 533 -13.41 17.88 14.21
N LYS A 534 -14.66 18.18 14.51
CA LYS A 534 -15.04 18.54 15.87
C LYS A 534 -16.53 18.28 16.06
N GLY A 535 -16.96 18.32 17.31
CA GLY A 535 -18.37 18.20 17.62
C GLY A 535 -19.14 19.39 17.08
N LYS A 536 -20.35 19.11 16.59
CA LYS A 536 -21.16 20.05 15.83
C LYS A 536 -20.44 20.55 14.58
N LYS A 537 -19.33 19.90 14.22
CA LYS A 537 -18.47 20.35 13.13
C LYS A 537 -18.21 19.20 12.17
N PRO A 538 -19.21 18.84 11.39
CA PRO A 538 -18.95 18.01 10.21
C PRO A 538 -18.29 18.85 9.13
N PHE A 539 -18.14 18.29 7.93
CA PHE A 539 -17.57 19.06 6.83
C PHE A 539 -18.52 20.14 6.34
N LYS A 540 -19.77 19.75 6.01
CA LYS A 540 -20.89 20.60 5.59
C LYS A 540 -20.54 21.51 4.43
N SER A 541 -19.37 21.33 3.84
CA SER A 541 -18.90 22.21 2.78
C SER A 541 -18.85 21.51 1.44
N LEU A 542 -19.56 20.39 1.31
CA LEU A 542 -19.55 19.64 0.06
C LEU A 542 -19.97 20.50 -1.11
N ARG A 543 -20.88 21.43 -0.89
CA ARG A 543 -21.26 22.35 -1.96
C ARG A 543 -20.05 23.15 -2.42
N ASN A 544 -19.21 23.59 -1.49
CA ASN A 544 -17.92 24.17 -1.87
C ASN A 544 -17.00 23.10 -2.42
N LEU A 545 -16.99 21.91 -1.82
CA LEU A 545 -16.05 20.88 -2.22
C LEU A 545 -16.24 20.49 -3.68
N LYS A 546 -17.49 20.31 -4.10
CA LYS A 546 -17.77 19.90 -5.46
C LYS A 546 -17.08 20.83 -6.45
N ILE A 547 -17.44 22.12 -6.41
CA ILE A 547 -16.91 23.08 -7.36
C ILE A 547 -15.41 23.27 -7.19
N ASP A 548 -14.92 23.24 -5.95
CA ASP A 548 -13.56 23.67 -5.68
C ASP A 548 -12.53 22.75 -6.35
N LEU A 549 -12.72 21.44 -6.22
CA LEU A 549 -11.68 20.49 -6.60
C LEU A 549 -11.84 19.99 -8.02
N ASP A 550 -12.66 20.65 -8.83
CA ASP A 550 -13.03 20.19 -10.17
C ASP A 550 -13.84 18.90 -10.08
N LEU A 551 -14.83 18.88 -9.19
CA LEU A 551 -15.72 17.74 -9.00
C LEU A 551 -17.17 18.20 -9.12
N THR A 552 -17.66 18.33 -10.34
CA THR A 552 -19.06 18.70 -10.55
C THR A 552 -19.88 17.60 -11.20
N ALA A 553 -19.27 16.72 -11.98
CA ALA A 553 -19.97 15.58 -12.55
C ALA A 553 -20.23 14.56 -11.45
N GLU A 554 -21.50 14.37 -11.10
CA GLU A 554 -21.84 13.43 -10.03
C GLU A 554 -21.29 12.05 -10.32
N GLY A 555 -21.12 11.71 -11.60
CA GLY A 555 -20.41 10.49 -11.93
C GLY A 555 -18.99 10.51 -11.43
N ASP A 556 -18.35 11.69 -11.44
CA ASP A 556 -16.95 11.76 -11.03
C ASP A 556 -16.78 11.86 -9.51
N LEU A 557 -17.73 12.48 -8.81
CA LEU A 557 -17.56 12.70 -7.38
C LEU A 557 -17.45 11.38 -6.64
N ASN A 558 -18.49 10.55 -6.68
CA ASN A 558 -18.50 9.35 -5.87
C ASN A 558 -17.33 8.44 -6.21
N ILE A 559 -16.87 8.47 -7.47
CA ILE A 559 -15.69 7.67 -7.82
C ILE A 559 -14.53 8.00 -6.90
N ILE A 560 -14.12 9.26 -6.89
CA ILE A 560 -13.05 9.66 -6.00
C ILE A 560 -13.50 9.52 -4.55
N MET A 561 -14.78 9.77 -4.28
CA MET A 561 -15.29 9.43 -2.97
C MET A 561 -15.23 7.93 -2.72
N ALA A 562 -15.16 7.12 -3.79
CA ALA A 562 -15.08 5.67 -3.62
C ALA A 562 -13.64 5.19 -3.48
N LEU A 563 -12.67 5.92 -4.03
CA LEU A 563 -11.28 5.63 -3.72
C LEU A 563 -10.87 6.14 -2.35
N ALA A 564 -11.73 6.94 -1.70
CA ALA A 564 -11.46 7.35 -0.34
C ALA A 564 -11.46 6.15 0.60
N GLU A 565 -12.59 5.42 0.65
CA GLU A 565 -12.73 4.35 1.62
C GLU A 565 -11.61 3.34 1.53
N LYS A 566 -11.07 3.13 0.34
CA LYS A 566 -9.95 2.22 0.16
C LYS A 566 -8.70 2.72 0.87
N ILE A 567 -8.70 3.96 1.34
CA ILE A 567 -7.58 4.56 2.07
C ILE A 567 -7.99 4.97 3.48
N LYS A 568 -9.06 5.75 3.60
CA LYS A 568 -9.75 6.08 4.85
C LYS A 568 -11.05 5.29 4.92
N PRO A 569 -11.05 4.09 5.50
CA PRO A 569 -12.30 3.31 5.54
C PRO A 569 -13.45 4.04 6.20
N GLY A 570 -13.17 4.85 7.21
CA GLY A 570 -14.22 5.61 7.87
C GLY A 570 -14.55 6.92 7.22
N LEU A 571 -13.90 7.27 6.10
CA LEU A 571 -14.14 8.57 5.47
C LEU A 571 -15.58 8.71 5.04
N HIS A 572 -16.14 7.67 4.44
CA HIS A 572 -17.41 7.83 3.75
C HIS A 572 -18.54 8.02 4.76
N SER A 573 -18.42 7.43 5.94
CA SER A 573 -19.38 7.72 7.01
C SER A 573 -19.12 9.10 7.61
N PHE A 574 -17.86 9.52 7.62
CA PHE A 574 -17.53 10.82 8.19
C PHE A 574 -18.19 11.96 7.43
N ILE A 575 -18.67 11.70 6.21
CA ILE A 575 -19.25 12.72 5.36
C ILE A 575 -20.76 12.54 5.19
N PHE A 576 -21.22 11.31 5.00
CA PHE A 576 -22.64 11.05 4.73
C PHE A 576 -23.40 10.47 5.90
N GLY A 577 -22.72 10.12 7.00
CA GLY A 577 -23.44 9.53 8.12
C GLY A 577 -24.45 10.49 8.72
N ARG A 578 -24.03 11.73 8.98
CA ARG A 578 -24.96 12.72 9.52
C ARG A 578 -26.08 13.06 8.54
N PRO A 579 -25.82 13.38 7.26
CA PRO A 579 -26.95 13.76 6.38
C PRO A 579 -27.79 12.57 5.95
N PHE A 580 -27.20 11.39 5.83
CA PHE A 580 -27.95 10.22 5.36
C PHE A 580 -27.54 8.96 6.11
N SER B 141 -0.47 2.49 29.40
CA SER B 141 -0.43 3.94 29.43
C SER B 141 0.74 4.48 28.65
N VAL B 142 1.47 5.44 29.24
CA VAL B 142 2.61 6.03 28.55
C VAL B 142 3.66 4.94 28.32
N ASP B 143 4.45 5.12 27.26
CA ASP B 143 5.20 4.02 26.66
C ASP B 143 6.26 3.47 27.61
N TYR B 144 6.20 2.16 27.86
CA TYR B 144 7.23 1.40 28.55
C TYR B 144 7.51 0.06 27.89
N GLN B 145 6.69 -0.37 26.93
CA GLN B 145 6.47 -1.77 26.58
C GLN B 145 7.47 -2.28 25.55
N ALA B 146 8.65 -1.66 25.43
CA ALA B 146 9.63 -2.11 24.45
C ALA B 146 10.06 -3.55 24.68
N SER B 147 9.92 -4.07 25.91
CA SER B 147 10.19 -5.47 26.17
C SER B 147 9.20 -6.10 27.15
N PHE B 148 8.10 -5.41 27.49
CA PHE B 148 7.20 -5.90 28.51
C PHE B 148 6.59 -7.25 28.13
N VAL B 149 5.82 -7.28 27.05
CA VAL B 149 5.41 -8.55 26.44
C VAL B 149 5.87 -8.52 24.99
N GLY B 150 7.00 -7.86 24.75
CA GLY B 150 7.60 -7.83 23.44
C GLY B 150 8.68 -8.88 23.30
N HIS B 151 8.63 -9.91 24.14
CA HIS B 151 9.62 -10.98 24.16
C HIS B 151 8.94 -12.34 24.14
N PRO B 152 8.93 -13.03 23.00
CA PRO B 152 8.45 -14.40 22.98
C PRO B 152 9.43 -15.33 23.68
N PRO B 153 8.96 -16.45 24.24
CA PRO B 153 9.88 -17.32 25.00
C PRO B 153 10.87 -18.06 24.11
N GLY B 154 11.68 -17.31 23.38
CA GLY B 154 12.71 -17.88 22.55
C GLY B 154 12.12 -18.42 21.26
N SER B 155 11.53 -19.61 21.36
CA SER B 155 10.57 -20.13 20.40
C SER B 155 11.16 -20.40 19.01
N ALA B 156 12.38 -19.94 18.77
CA ALA B 156 13.20 -20.28 17.61
C ALA B 156 14.49 -19.47 17.72
N TYR B 157 15.42 -19.75 16.82
CA TYR B 157 16.69 -19.05 16.83
C TYR B 157 16.58 -17.64 16.22
N PRO B 158 16.22 -17.48 14.94
CA PRO B 158 16.12 -16.11 14.37
C PRO B 158 14.72 -15.51 14.32
N LYS B 159 13.73 -16.13 14.98
CA LYS B 159 12.34 -16.07 14.55
C LYS B 159 11.79 -14.65 14.49
N LEU B 160 10.62 -14.56 13.89
CA LEU B 160 9.91 -13.31 13.66
C LEU B 160 8.41 -13.58 13.81
N ASN B 161 7.82 -13.00 14.84
CA ASN B 161 6.48 -13.38 15.27
C ASN B 161 5.64 -12.15 15.56
N PHE B 162 4.51 -12.34 16.22
CA PHE B 162 3.50 -11.30 16.30
C PHE B 162 2.81 -11.37 17.67
N VAL B 163 2.21 -10.27 18.07
CA VAL B 163 1.44 -10.20 19.30
C VAL B 163 0.20 -9.37 19.06
N GLU B 164 -0.89 -9.73 19.73
CA GLU B 164 -2.13 -8.98 19.69
C GLU B 164 -2.20 -8.03 20.88
N ASP B 165 -3.34 -7.36 21.04
CA ASP B 165 -3.53 -6.41 22.14
C ASP B 165 -4.72 -6.80 23.01
N GLU B 175 -6.39 -4.07 23.27
CA GLU B 175 -6.22 -3.48 24.59
C GLU B 175 -5.35 -2.24 24.53
N GLY B 176 -4.60 -2.09 23.43
CA GLY B 176 -3.73 -0.95 23.23
C GLY B 176 -2.33 -1.29 22.76
N ALA B 177 -1.97 -2.56 22.59
CA ALA B 177 -0.59 -2.91 22.23
C ALA B 177 -0.40 -2.93 20.72
N PHE B 178 -1.12 -3.81 20.03
CA PHE B 178 -1.10 -3.85 18.57
C PHE B 178 0.32 -4.03 18.05
N ALA B 179 1.04 -4.98 18.65
CA ALA B 179 2.49 -5.03 18.60
C ALA B 179 3.01 -5.93 17.48
N TYR B 180 4.33 -5.97 17.40
CA TYR B 180 5.10 -6.80 16.48
C TYR B 180 6.48 -7.01 17.08
N VAL B 181 7.02 -8.22 16.96
CA VAL B 181 8.31 -8.55 17.55
C VAL B 181 9.15 -9.35 16.56
N HIS B 182 10.43 -9.01 16.48
CA HIS B 182 11.40 -9.77 15.70
C HIS B 182 12.39 -10.36 16.70
N HIS B 183 12.03 -11.52 17.24
CA HIS B 183 12.78 -12.13 18.33
C HIS B 183 14.20 -12.48 17.89
N LEU B 184 15.18 -11.81 18.51
CA LEU B 184 16.59 -12.04 18.18
C LEU B 184 17.38 -12.27 19.45
N THR B 185 17.93 -13.47 19.59
CA THR B 185 18.75 -13.81 20.74
C THR B 185 20.21 -13.46 20.46
N LEU B 186 20.91 -13.10 21.53
CA LEU B 186 22.30 -12.64 21.44
C LEU B 186 23.20 -13.45 22.34
N TYR B 187 23.17 -14.77 22.16
CA TYR B 187 23.90 -15.73 22.98
C TYR B 187 25.23 -15.22 23.48
N ASP B 188 25.45 -15.35 24.79
CA ASP B 188 26.61 -14.84 25.49
C ASP B 188 27.25 -15.98 26.26
N LEU B 189 28.53 -16.24 25.97
CA LEU B 189 29.29 -17.23 26.72
C LEU B 189 29.24 -16.95 28.21
N GLU B 190 29.72 -15.78 28.63
CA GLU B 190 29.63 -15.41 30.04
C GLU B 190 28.19 -15.04 30.37
N ALA B 191 27.31 -16.03 30.27
CA ALA B 191 25.90 -15.90 30.60
C ALA B 191 25.30 -17.29 30.70
N ARG B 192 24.26 -17.41 31.51
CA ARG B 192 23.62 -18.70 31.74
C ARG B 192 23.09 -19.27 30.43
N GLY B 193 23.21 -20.59 30.28
CA GLY B 193 22.85 -21.25 29.05
C GLY B 193 23.69 -20.86 27.85
N PHE B 194 24.66 -19.96 28.03
CA PHE B 194 25.48 -19.45 26.95
C PHE B 194 24.65 -18.77 25.86
N VAL B 195 23.47 -18.29 26.25
CA VAL B 195 22.52 -17.69 25.33
C VAL B 195 22.01 -16.39 25.95
N ARG B 196 21.52 -15.49 25.10
CA ARG B 196 20.97 -14.22 25.56
C ARG B 196 19.85 -13.78 24.63
N PRO B 197 18.61 -14.13 24.97
CA PRO B 197 17.46 -13.59 24.23
C PRO B 197 17.18 -12.16 24.68
N PHE B 198 17.42 -11.20 23.80
CA PHE B 198 17.14 -9.80 24.10
C PHE B 198 16.84 -9.13 22.77
N CYS B 199 15.56 -8.93 22.49
CA CYS B 199 15.08 -8.66 21.15
C CYS B 199 14.49 -7.24 21.06
N MET B 200 15.17 -6.37 20.33
CA MET B 200 14.72 -5.02 20.08
C MET B 200 14.02 -4.91 18.73
N ALA B 201 12.86 -4.27 18.73
CA ALA B 201 12.01 -4.04 17.56
C ALA B 201 11.32 -2.71 17.79
N TYR B 202 10.22 -2.45 17.08
CA TYR B 202 9.36 -1.34 17.48
C TYR B 202 7.88 -1.68 17.34
N ILE B 203 7.10 -1.03 18.19
CA ILE B 203 5.72 -1.36 18.50
C ILE B 203 4.86 -0.15 18.15
N SER B 204 3.89 -0.36 17.28
CA SER B 204 2.95 0.71 16.99
C SER B 204 1.52 0.25 17.18
N ALA B 205 0.56 1.05 16.75
CA ALA B 205 -0.84 0.79 17.01
C ALA B 205 -1.53 0.27 15.75
N ASP B 206 -2.83 0.03 15.89
CA ASP B 206 -3.86 -0.30 14.91
C ASP B 206 -3.78 -1.73 14.37
N GLN B 207 -2.72 -2.49 14.67
CA GLN B 207 -2.58 -3.88 14.27
C GLN B 207 -2.49 -4.03 12.76
N HIS B 208 -2.70 -2.93 12.04
CA HIS B 208 -2.86 -2.97 10.59
C HIS B 208 -1.69 -2.32 9.89
N LYS B 209 -1.27 -1.14 10.33
CA LYS B 209 -0.14 -0.50 9.69
C LYS B 209 1.13 -1.34 9.77
N ILE B 210 1.08 -2.46 10.47
CA ILE B 210 2.13 -3.47 10.38
C ILE B 210 1.68 -4.60 9.45
N MET B 211 0.48 -5.10 9.66
CA MET B 211 0.10 -6.41 9.16
C MET B 211 0.19 -6.48 7.64
N GLN B 212 -0.43 -5.53 6.95
CA GLN B 212 -0.29 -5.45 5.51
C GLN B 212 0.97 -4.72 5.07
N GLN B 213 1.63 -4.00 5.97
CA GLN B 213 2.91 -3.39 5.68
C GLN B 213 4.05 -4.31 6.13
N PHE B 214 3.77 -5.59 6.30
CA PHE B 214 4.64 -6.46 7.06
C PHE B 214 6.01 -6.63 6.42
N GLN B 215 6.08 -6.78 5.09
CA GLN B 215 7.35 -7.17 4.48
C GLN B 215 8.50 -6.25 4.81
N GLU B 216 8.49 -5.02 4.29
CA GLU B 216 9.70 -4.21 4.37
C GLU B 216 10.05 -3.91 5.81
N LEU B 217 9.04 -3.70 6.65
CA LEU B 217 9.30 -3.56 8.07
C LEU B 217 10.01 -4.79 8.60
N SER B 218 9.54 -5.97 8.22
CA SER B 218 10.24 -7.19 8.58
C SER B 218 11.31 -7.55 7.55
N ALA B 219 11.52 -6.70 6.56
CA ALA B 219 12.71 -6.80 5.71
C ALA B 219 13.78 -5.81 6.10
N GLU B 220 13.43 -4.77 6.86
CA GLU B 220 14.45 -3.87 7.39
C GLU B 220 14.80 -4.20 8.83
N PHE B 221 13.81 -4.59 9.65
CA PHE B 221 14.13 -5.21 10.92
C PHE B 221 14.99 -6.44 10.71
N SER B 222 14.87 -7.06 9.55
CA SER B 222 15.83 -8.09 9.17
C SER B 222 17.23 -7.50 9.08
N ARG B 223 17.38 -6.41 8.34
CA ARG B 223 18.71 -5.84 8.15
C ARG B 223 19.23 -5.19 9.43
N ALA B 224 18.38 -4.44 10.14
CA ALA B 224 18.82 -3.73 11.32
C ALA B 224 19.22 -4.69 12.44
N SER B 225 18.29 -5.55 12.87
CA SER B 225 18.59 -6.43 13.99
C SER B 225 19.74 -7.37 13.67
N GLU B 226 19.85 -7.82 12.42
CA GLU B 226 20.99 -8.64 12.04
C GLU B 226 22.28 -7.85 12.12
N CYS B 227 22.22 -6.56 11.81
CA CYS B 227 23.43 -5.75 11.77
C CYS B 227 24.09 -5.71 13.15
N LEU B 228 23.31 -5.44 14.19
CA LEU B 228 23.86 -5.41 15.55
C LEU B 228 24.38 -6.77 15.97
N LYS B 229 23.73 -7.84 15.54
CA LYS B 229 24.21 -9.18 15.88
C LYS B 229 25.61 -9.38 15.36
N THR B 230 25.93 -8.80 14.20
CA THR B 230 27.29 -8.90 13.67
C THR B 230 28.28 -8.18 14.58
N GLY B 231 27.82 -7.19 15.33
CA GLY B 231 28.73 -6.35 16.10
C GLY B 231 29.09 -6.87 17.48
N ASN B 232 28.08 -7.12 18.32
CA ASN B 232 28.38 -7.62 19.67
C ASN B 232 29.11 -8.94 19.60
N ARG B 233 28.79 -9.78 18.61
CA ARG B 233 29.57 -10.98 18.41
C ARG B 233 31.01 -10.61 18.04
N LYS B 234 31.19 -9.58 17.21
CA LYS B 234 32.54 -9.20 16.80
C LYS B 234 33.35 -8.75 17.99
N ALA B 235 32.75 -7.98 18.89
CA ALA B 235 33.39 -7.71 20.16
C ALA B 235 33.55 -9.00 20.96
N PHE B 236 32.51 -9.83 20.97
CA PHE B 236 32.52 -11.02 21.81
C PHE B 236 33.48 -12.07 21.28
N ALA B 237 33.50 -12.28 19.97
CA ALA B 237 34.39 -13.27 19.39
C ALA B 237 35.84 -12.93 19.69
N GLY B 238 36.21 -11.66 19.53
CA GLY B 238 37.58 -11.27 19.78
C GLY B 238 37.98 -11.40 21.25
N GLU B 239 37.10 -11.00 22.16
CA GLU B 239 37.48 -11.00 23.56
C GLU B 239 37.50 -12.40 24.15
N LEU B 240 36.84 -13.37 23.51
CA LEU B 240 36.84 -14.72 24.05
C LEU B 240 38.23 -15.33 24.00
N GLU B 241 38.94 -15.17 22.88
CA GLU B 241 40.33 -15.61 22.87
C GLU B 241 41.18 -14.76 23.81
N LYS B 242 40.81 -13.49 24.01
CA LYS B 242 41.54 -12.66 24.96
C LYS B 242 41.51 -13.26 26.35
N LYS B 243 40.33 -13.66 26.81
CA LYS B 243 40.26 -14.39 28.07
C LYS B 243 40.64 -15.85 27.92
N LEU B 244 40.74 -16.35 26.68
CA LEU B 244 41.44 -17.61 26.47
C LEU B 244 42.92 -17.44 26.79
N LYS B 245 43.56 -16.42 26.23
CA LYS B 245 44.95 -16.14 26.56
C LYS B 245 45.12 -15.92 28.06
N ASP B 246 44.14 -15.26 28.68
CA ASP B 246 44.16 -15.10 30.13
C ASP B 246 44.26 -16.46 30.81
N LEU B 247 43.38 -17.39 30.44
CA LEU B 247 43.47 -18.73 30.98
C LEU B 247 44.57 -19.55 30.32
N ASP B 248 45.09 -19.10 29.17
CA ASP B 248 46.29 -19.73 28.65
C ASP B 248 47.48 -19.47 29.55
N TYR B 249 47.52 -18.29 30.17
CA TYR B 249 48.57 -17.99 31.14
C TYR B 249 48.53 -18.96 32.32
N THR B 250 47.36 -19.52 32.63
CA THR B 250 47.29 -20.54 33.67
C THR B 250 48.20 -21.71 33.33
N ARG B 251 48.07 -22.25 32.11
CA ARG B 251 48.96 -23.32 31.69
C ARG B 251 50.42 -22.93 31.81
N THR B 252 50.73 -21.67 31.48
CA THR B 252 52.10 -21.18 31.66
C THR B 252 52.54 -21.31 33.11
N VAL B 253 51.60 -21.12 34.04
CA VAL B 253 51.90 -21.37 35.45
C VAL B 253 51.64 -22.82 35.81
N LEU B 254 50.58 -23.42 35.24
CA LEU B 254 50.30 -24.83 35.48
C LEU B 254 51.53 -25.70 35.25
N HIS B 255 52.17 -25.53 34.10
CA HIS B 255 53.34 -26.34 33.80
C HIS B 255 54.45 -26.10 34.82
N THR B 256 54.68 -24.84 35.18
CA THR B 256 55.73 -24.54 36.16
C THR B 256 55.39 -25.09 37.53
N GLU B 257 54.13 -24.98 37.95
CA GLU B 257 53.79 -25.45 39.28
C GLU B 257 53.81 -26.97 39.36
N THR B 258 53.27 -27.65 38.35
CA THR B 258 53.13 -29.09 38.44
C THR B 258 54.46 -29.77 38.15
N GLU B 259 54.84 -30.71 39.03
CA GLU B 259 56.00 -31.57 38.83
C GLU B 259 57.27 -30.79 38.53
N ILE B 260 57.55 -29.74 39.30
CA ILE B 260 58.80 -29.02 39.11
C ILE B 260 59.80 -29.50 40.14
N GLN B 261 59.50 -29.27 41.41
CA GLN B 261 60.17 -29.93 42.52
C GLN B 261 59.24 -30.87 43.25
N LYS B 262 57.93 -30.55 43.22
CA LYS B 262 56.94 -31.38 43.88
C LYS B 262 56.93 -32.80 43.35
N LYS B 263 57.42 -33.00 42.13
CA LYS B 263 57.24 -34.26 41.41
C LYS B 263 55.77 -34.64 41.40
N ALA B 264 54.92 -33.65 41.11
CA ALA B 264 53.47 -33.80 41.02
C ALA B 264 52.85 -34.15 42.37
N ASN B 265 53.14 -33.32 43.38
CA ASN B 265 52.53 -33.52 44.70
C ASN B 265 51.03 -33.31 44.66
N ASP B 266 50.51 -32.63 43.64
CA ASP B 266 49.08 -32.51 43.44
C ASP B 266 48.51 -33.84 42.96
N LYS B 267 47.18 -33.87 42.73
CA LYS B 267 46.60 -35.05 42.10
C LYS B 267 47.19 -35.29 40.71
N GLY B 268 47.28 -34.27 39.86
CA GLY B 268 46.50 -33.04 39.93
C GLY B 268 45.42 -33.08 38.86
N PHE B 269 44.20 -33.41 39.27
CA PHE B 269 43.12 -33.52 38.29
C PHE B 269 42.50 -32.17 37.94
N TYR B 270 42.82 -31.12 38.70
CA TYR B 270 42.46 -29.78 38.27
C TYR B 270 43.09 -29.48 36.92
N SER B 271 44.25 -30.07 36.63
CA SER B 271 44.88 -29.90 35.33
C SER B 271 43.99 -30.42 34.21
N SER B 272 43.12 -31.39 34.50
CA SER B 272 42.14 -31.81 33.50
C SER B 272 41.20 -30.66 33.17
N GLN B 273 40.75 -29.93 34.19
CA GLN B 273 39.98 -28.72 33.94
C GLN B 273 40.83 -27.70 33.19
N ALA B 274 42.08 -27.53 33.60
CA ALA B 274 42.92 -26.48 33.02
C ALA B 274 43.23 -26.73 31.55
N ILE B 275 42.96 -27.92 31.03
CA ILE B 275 43.25 -28.21 29.63
C ILE B 275 41.95 -28.45 28.87
N GLU B 276 40.91 -28.92 29.55
CA GLU B 276 39.65 -29.17 28.86
C GLU B 276 39.02 -27.85 28.41
N LYS B 277 39.13 -26.80 29.22
CA LYS B 277 38.54 -25.51 28.86
C LYS B 277 39.13 -24.99 27.55
N ALA B 278 40.42 -25.22 27.31
CA ALA B 278 41.02 -24.72 26.09
C ALA B 278 40.47 -25.43 24.86
N ASN B 279 39.74 -26.52 25.05
CA ASN B 279 39.21 -27.27 23.91
C ASN B 279 37.87 -26.70 23.45
N GLU B 280 36.85 -26.75 24.31
CA GLU B 280 35.52 -26.31 23.91
C GLU B 280 35.48 -24.82 23.60
N LEU B 281 36.25 -24.00 24.32
CA LEU B 281 36.34 -22.60 23.95
C LEU B 281 37.01 -22.42 22.60
N ALA B 282 38.07 -23.20 22.32
CA ALA B 282 38.60 -23.23 20.96
C ALA B 282 37.62 -23.86 19.98
N SER B 283 36.64 -24.63 20.47
CA SER B 283 35.65 -25.23 19.59
C SER B 283 34.57 -24.23 19.22
N VAL B 284 33.94 -23.62 20.23
CA VAL B 284 32.89 -22.65 19.95
C VAL B 284 33.43 -21.48 19.16
N GLU B 285 34.73 -21.20 19.28
CA GLU B 285 35.38 -20.26 18.38
C GLU B 285 35.05 -20.59 16.93
N LYS B 286 35.48 -21.76 16.46
CA LYS B 286 35.17 -22.17 15.10
C LYS B 286 33.67 -22.15 14.86
N SER B 287 32.88 -22.48 15.88
CA SER B 287 31.44 -22.29 15.77
C SER B 287 31.11 -20.82 15.53
N ILE B 288 31.79 -19.92 16.23
CA ILE B 288 31.50 -18.49 16.06
C ILE B 288 31.85 -18.02 14.64
N ILE B 289 33.07 -18.31 14.19
CA ILE B 289 33.47 -17.83 12.87
C ILE B 289 32.62 -18.45 11.77
N GLU B 290 32.36 -19.75 11.86
CA GLU B 290 31.43 -20.36 10.92
C GLU B 290 30.06 -19.72 11.03
N HIS B 291 29.56 -19.58 12.26
CA HIS B 291 28.29 -18.90 12.47
C HIS B 291 28.36 -17.44 12.05
N GLN B 292 29.56 -16.85 12.05
CA GLN B 292 29.71 -15.47 11.58
C GLN B 292 29.41 -15.38 10.09
N ASP B 293 29.96 -16.28 9.29
CA ASP B 293 29.77 -16.22 7.84
C ASP B 293 28.44 -16.86 7.43
N LEU B 294 28.30 -18.14 7.70
CA LEU B 294 27.11 -18.90 7.30
C LEU B 294 26.20 -19.13 8.48
N LEU B 295 24.90 -19.09 8.23
CA LEU B 295 23.88 -19.32 9.24
C LEU B 295 24.04 -18.40 10.45
N CYS B 359 27.84 -12.20 40.11
CA CYS B 359 26.57 -12.23 39.40
C CYS B 359 26.27 -10.87 38.77
N PHE B 360 26.91 -9.83 39.29
CA PHE B 360 26.70 -8.49 38.75
C PHE B 360 27.13 -8.39 37.29
N ASP B 361 28.09 -9.21 36.87
CA ASP B 361 28.53 -9.19 35.48
C ASP B 361 27.50 -9.80 34.54
N LYS B 362 26.65 -10.70 35.05
CA LYS B 362 25.70 -11.38 34.18
C LYS B 362 24.72 -10.40 33.55
N LYS B 363 24.17 -9.48 34.34
CA LYS B 363 23.39 -8.39 33.76
C LYS B 363 24.31 -7.34 33.14
N LEU B 364 25.48 -7.10 33.74
CA LEU B 364 26.46 -6.22 33.12
C LEU B 364 27.01 -6.80 31.83
N LYS B 365 26.82 -8.10 31.60
CA LYS B 365 27.10 -8.66 30.29
C LYS B 365 26.26 -7.99 29.23
N THR B 366 24.99 -7.69 29.56
CA THR B 366 24.14 -6.96 28.64
C THR B 366 24.70 -5.57 28.33
N LEU B 367 25.44 -5.00 29.29
CA LEU B 367 25.99 -3.65 29.10
C LEU B 367 26.84 -3.59 27.85
N GLU B 368 27.94 -4.35 27.82
CA GLU B 368 28.79 -4.33 26.63
C GLU B 368 28.02 -4.77 25.39
N GLU B 369 27.06 -5.67 25.57
CA GLU B 369 26.18 -6.04 24.46
C GLU B 369 25.37 -4.84 24.00
N LEU B 370 24.86 -4.04 24.94
CA LEU B 370 24.19 -2.81 24.55
C LEU B 370 25.19 -1.68 24.31
N CYS B 371 26.37 -1.75 24.94
CA CYS B 371 27.36 -0.70 24.74
C CYS B 371 27.99 -0.79 23.35
N ASP B 372 28.32 -2.00 22.90
CA ASP B 372 28.93 -2.15 21.59
C ASP B 372 27.97 -1.84 20.45
N THR B 373 26.66 -1.73 20.75
CA THR B 373 25.75 -1.15 19.77
C THR B 373 26.12 0.30 19.47
N GLU B 374 26.47 1.05 20.53
CA GLU B 374 26.79 2.46 20.37
C GLU B 374 28.01 2.65 19.50
N TYR B 375 29.06 1.86 19.73
CA TYR B 375 30.16 1.79 18.78
C TYR B 375 29.69 1.48 17.37
N PHE B 376 29.10 0.30 17.18
CA PHE B 376 28.91 -0.21 15.83
C PHE B 376 27.64 0.45 15.31
N THR B 377 27.81 1.73 14.96
CA THR B 377 26.69 2.68 14.87
C THR B 377 25.63 2.25 13.88
N GLN B 378 25.95 1.38 12.93
CA GLN B 378 25.00 1.02 11.90
C GLN B 378 23.69 0.55 12.51
N THR B 379 23.75 -0.13 13.66
CA THR B 379 22.53 -0.53 14.35
C THR B 379 21.80 0.67 14.93
N LEU B 380 22.53 1.72 15.32
CA LEU B 380 21.84 2.93 15.72
C LEU B 380 21.33 3.71 14.52
N ALA B 381 22.00 3.57 13.38
CA ALA B 381 21.57 4.28 12.18
C ALA B 381 20.26 3.74 11.65
N GLN B 382 20.16 2.41 11.53
CA GLN B 382 18.96 1.82 10.92
C GLN B 382 17.73 2.10 11.76
N LEU B 383 17.78 1.82 13.06
CA LEU B 383 16.59 2.03 13.87
C LEU B 383 16.22 3.49 13.93
N SER B 384 17.22 4.38 13.84
CA SER B 384 16.91 5.79 13.61
C SER B 384 16.27 5.98 12.25
N HIS B 385 16.79 5.31 11.23
CA HIS B 385 16.20 5.41 9.90
C HIS B 385 14.83 4.73 9.84
N ILE B 386 14.65 3.63 10.59
CA ILE B 386 13.32 3.01 10.67
C ILE B 386 12.33 3.95 11.32
N GLU B 387 12.70 4.57 12.44
CA GLU B 387 11.82 5.55 13.04
C GLU B 387 11.49 6.67 12.08
N HIS B 388 12.36 6.90 11.09
CA HIS B 388 12.07 7.87 10.04
C HIS B 388 11.05 7.32 9.04
N MET B 389 11.20 6.06 8.61
CA MET B 389 10.39 5.53 7.51
C MET B 389 8.90 5.50 7.84
N PHE B 390 8.49 4.68 8.80
CA PHE B 390 7.07 4.63 9.08
C PHE B 390 6.67 5.81 9.96
N ARG B 391 5.41 6.20 9.84
CA ARG B 391 4.91 7.40 10.51
C ARG B 391 3.62 7.12 11.25
N GLY B 392 2.94 8.17 11.69
CA GLY B 392 1.75 8.03 12.51
C GLY B 392 0.61 7.28 11.85
N ASP B 393 0.47 7.39 10.53
CA ASP B 393 -0.62 6.69 9.87
C ASP B 393 -0.17 6.22 8.49
N LEU B 394 -0.69 5.05 8.10
CA LEU B 394 -0.20 4.38 6.90
C LEU B 394 -0.73 5.03 5.63
N CYS B 395 -1.86 5.72 5.71
CA CYS B 395 -2.62 6.02 4.50
C CYS B 395 -1.90 7.02 3.62
N TYR B 396 -1.62 8.22 4.15
CA TYR B 396 -0.80 9.17 3.42
C TYR B 396 0.52 8.52 3.03
N LEU B 397 1.06 7.69 3.92
CA LEU B 397 2.18 6.83 3.58
C LEU B 397 1.82 5.85 2.48
N LEU B 398 0.68 5.17 2.62
CA LEU B 398 0.34 4.07 1.71
C LEU B 398 0.30 4.56 0.27
N THR B 399 -0.29 5.73 0.06
CA THR B 399 -0.32 6.29 -1.28
C THR B 399 1.08 6.43 -1.86
N SER B 400 2.06 6.77 -1.02
CA SER B 400 3.39 7.03 -1.53
C SER B 400 3.96 5.80 -2.23
N GLN B 401 3.75 4.61 -1.65
CA GLN B 401 4.03 3.40 -2.42
C GLN B 401 3.24 3.41 -3.70
N ILE B 402 1.91 3.58 -3.60
CA ILE B 402 1.06 3.49 -4.78
C ILE B 402 1.44 4.56 -5.78
N ASP B 403 1.64 5.78 -5.31
CA ASP B 403 2.06 6.85 -6.21
C ASP B 403 3.30 6.43 -6.97
N ARG B 404 4.34 5.99 -6.26
CA ARG B 404 5.54 5.57 -6.98
C ARG B 404 5.36 4.20 -7.60
N ALA B 405 4.41 3.40 -7.11
CA ALA B 405 4.13 2.14 -7.78
C ALA B 405 3.66 2.37 -9.21
N LEU B 406 2.78 3.36 -9.41
CA LEU B 406 2.34 3.71 -10.75
C LEU B 406 3.48 4.32 -11.56
N LEU B 407 4.30 5.15 -10.92
CA LEU B 407 5.27 5.92 -11.68
C LEU B 407 6.27 5.06 -12.43
N LYS B 408 6.44 3.79 -12.04
CA LYS B 408 7.47 2.98 -12.70
C LYS B 408 7.17 2.80 -14.17
N GLN B 409 5.90 2.56 -14.52
CA GLN B 409 5.59 2.27 -15.91
C GLN B 409 5.60 3.52 -16.77
N GLN B 410 5.10 4.64 -16.25
CA GLN B 410 5.00 5.87 -17.01
C GLN B 410 6.05 6.86 -16.52
N HIS B 411 7.02 7.16 -17.38
CA HIS B 411 8.04 8.15 -17.08
C HIS B 411 8.04 9.33 -18.03
N ILE B 412 7.38 9.22 -19.18
CA ILE B 412 7.33 10.35 -20.10
C ILE B 412 6.64 11.54 -19.45
N THR B 413 5.52 11.30 -18.78
CA THR B 413 4.87 12.37 -18.03
C THR B 413 5.76 12.92 -16.92
N ASN B 414 6.78 12.18 -16.50
CA ASN B 414 7.61 12.67 -15.41
C ASN B 414 8.48 13.85 -15.84
N PHE B 415 9.19 13.74 -16.97
CA PHE B 415 10.12 14.81 -17.26
C PHE B 415 9.41 16.05 -17.77
N LEU B 416 8.34 15.85 -18.53
CA LEU B 416 7.63 16.97 -19.13
C LEU B 416 7.15 17.97 -18.11
N PHE B 417 7.24 17.66 -16.82
CA PHE B 417 6.60 18.54 -15.88
C PHE B 417 7.17 18.30 -14.49
N GLU B 418 6.89 19.24 -13.60
CA GLU B 418 7.36 19.17 -12.23
C GLU B 418 6.82 17.93 -11.54
N ASP B 419 7.71 17.23 -10.83
CA ASP B 419 7.32 16.08 -10.02
C ASP B 419 8.39 15.81 -8.98
N ARG B 586 13.66 21.74 1.92
CA ARG B 586 12.32 21.30 1.56
C ARG B 586 11.26 22.27 2.07
N HIS B 587 11.18 23.44 1.44
CA HIS B 587 10.21 24.45 1.79
C HIS B 587 8.82 24.16 1.25
N LYS B 588 8.56 22.92 0.84
CA LYS B 588 7.33 22.63 0.09
C LYS B 588 6.07 22.94 0.89
N LYS B 589 6.16 23.05 2.21
CA LYS B 589 5.05 23.64 2.95
C LYS B 589 4.96 25.13 2.69
N ARG B 590 6.10 25.83 2.75
CA ARG B 590 6.11 27.25 2.41
C ARG B 590 6.03 27.44 0.89
N ALA B 591 6.72 26.59 0.13
CA ALA B 591 6.68 26.70 -1.33
C ALA B 591 5.27 26.52 -1.87
N GLY B 592 4.39 25.90 -1.09
CA GLY B 592 3.00 25.85 -1.44
C GLY B 592 2.21 26.97 -0.80
N GLN B 593 2.39 27.16 0.50
CA GLN B 593 1.54 28.09 1.24
C GLN B 593 1.64 29.50 0.68
N ASN B 594 2.84 29.93 0.29
CA ASN B 594 3.00 31.28 -0.24
C ASN B 594 2.19 31.49 -1.52
N ALA B 595 2.19 30.49 -2.41
CA ALA B 595 1.42 30.61 -3.64
C ALA B 595 -0.06 30.76 -3.34
N LEU B 596 -0.57 30.01 -2.36
CA LEU B 596 -1.97 30.19 -2.00
C LEU B 596 -2.23 31.59 -1.49
N LYS B 597 -1.32 32.10 -0.66
CA LYS B 597 -1.46 33.50 -0.25
C LYS B 597 -1.23 34.43 -1.42
N PHE B 598 -0.53 33.95 -2.46
CA PHE B 598 -0.39 34.72 -3.70
C PHE B 598 -1.71 34.83 -4.46
N ILE B 599 -2.18 33.71 -5.01
CA ILE B 599 -3.32 33.76 -5.92
C ILE B 599 -4.54 34.30 -5.21
N ARG B 600 -4.81 33.80 -4.01
CA ARG B 600 -6.07 34.10 -3.35
C ARG B 600 -6.25 35.59 -3.08
N GLN B 601 -5.17 36.38 -3.06
CA GLN B 601 -5.35 37.81 -2.81
C GLN B 601 -4.43 38.69 -3.64
N TYR B 602 -4.02 38.25 -4.83
CA TYR B 602 -3.23 39.12 -5.71
C TYR B 602 -3.97 39.37 -7.02
N PRO B 603 -4.41 40.60 -7.26
CA PRO B 603 -5.13 40.89 -8.51
C PRO B 603 -4.22 40.69 -9.71
N PHE B 604 -4.83 40.36 -10.84
CA PHE B 604 -4.19 40.23 -12.14
C PHE B 604 -3.23 39.05 -12.18
N ALA B 605 -3.09 38.30 -11.08
CA ALA B 605 -2.16 37.19 -11.06
C ALA B 605 -2.59 36.06 -12.00
N HIS B 606 -3.82 36.11 -12.49
CA HIS B 606 -4.34 34.99 -13.28
C HIS B 606 -3.55 34.77 -14.56
N PRO B 607 -3.39 35.73 -15.47
CA PRO B 607 -2.58 35.47 -16.66
C PRO B 607 -1.12 35.27 -16.35
N ALA B 608 -0.68 35.69 -15.17
CA ALA B 608 0.70 35.43 -14.76
C ALA B 608 0.98 33.94 -14.82
N ILE B 609 0.10 33.13 -14.23
CA ILE B 609 0.22 31.69 -14.33
C ILE B 609 0.19 31.28 -15.80
N TYR B 610 -0.78 31.81 -16.55
CA TYR B 610 -0.87 31.49 -17.97
C TYR B 610 0.42 31.86 -18.68
N SER B 611 0.86 33.10 -18.51
CA SER B 611 2.12 33.53 -19.11
C SER B 611 3.25 32.60 -18.69
N LEU B 612 3.23 32.18 -17.43
CA LEU B 612 4.29 31.30 -16.94
C LEU B 612 4.14 29.91 -17.53
N LEU B 613 2.92 29.38 -17.53
CA LEU B 613 2.69 28.03 -18.05
C LEU B 613 3.03 27.95 -19.52
N SER B 614 2.46 28.83 -20.32
CA SER B 614 2.78 28.86 -21.73
C SER B 614 4.23 29.27 -21.96
N GLY B 615 4.73 30.18 -21.13
CA GLY B 615 6.07 30.70 -21.31
C GLY B 615 6.07 31.93 -22.20
N ARG B 616 7.04 32.02 -23.11
CA ARG B 616 8.11 31.05 -23.17
C ARG B 616 9.29 31.57 -22.36
N THR B 617 9.04 32.65 -21.61
CA THR B 617 10.00 33.22 -20.69
C THR B 617 9.21 34.12 -19.75
N LEU B 618 9.85 34.51 -18.65
CA LEU B 618 9.26 35.48 -17.73
C LEU B 618 10.34 35.95 -16.78
N VAL B 619 10.31 37.24 -16.44
CA VAL B 619 11.19 37.81 -15.44
C VAL B 619 10.32 38.66 -14.51
N VAL B 620 10.76 38.81 -13.26
CA VAL B 620 9.99 39.53 -12.26
C VAL B 620 10.96 40.34 -11.41
N LEU B 621 10.82 41.66 -11.42
CA LEU B 621 11.70 42.55 -10.68
C LEU B 621 10.94 43.23 -9.56
N GLY B 622 11.66 43.58 -8.50
CA GLY B 622 11.05 44.19 -7.34
C GLY B 622 12.02 45.12 -6.63
N GLU B 623 11.46 45.96 -5.76
CA GLU B 623 12.26 46.96 -5.07
C GLU B 623 13.11 46.32 -3.98
N ASP B 624 12.48 45.70 -2.99
CA ASP B 624 13.19 44.96 -1.96
C ASP B 624 13.23 43.48 -2.33
N GLU B 625 14.42 42.91 -2.35
CA GLU B 625 14.54 41.52 -2.76
C GLU B 625 14.22 40.57 -1.62
N ALA B 626 13.82 41.10 -0.46
CA ALA B 626 13.36 40.25 0.64
C ALA B 626 12.06 39.54 0.30
N ILE B 627 11.38 39.93 -0.76
CA ILE B 627 10.08 39.36 -1.10
C ILE B 627 10.16 38.44 -2.31
N VAL B 628 10.91 38.82 -3.35
CA VAL B 628 10.93 38.02 -4.57
C VAL B 628 11.40 36.60 -4.28
N ARG B 629 12.40 36.44 -3.41
CA ARG B 629 12.80 35.10 -2.98
C ARG B 629 11.61 34.35 -2.41
N LYS B 630 10.80 35.03 -1.59
CA LYS B 630 9.66 34.37 -0.98
C LYS B 630 8.58 34.07 -2.01
N LEU B 631 8.36 34.99 -2.95
CA LEU B 631 7.24 34.87 -3.89
C LEU B 631 7.67 34.50 -5.29
N VAL B 632 8.84 33.90 -5.47
CA VAL B 632 9.15 33.16 -6.68
C VAL B 632 9.45 31.70 -6.40
N THR B 633 9.54 31.31 -5.12
CA THR B 633 9.40 29.90 -4.77
C THR B 633 7.95 29.49 -4.64
N ALA B 634 7.05 30.45 -4.39
CA ALA B 634 5.62 30.17 -4.35
C ALA B 634 5.13 29.70 -5.72
N LEU B 635 5.45 30.46 -6.76
CA LEU B 635 4.97 30.17 -8.11
C LEU B 635 5.98 29.41 -8.93
N ALA B 636 7.01 28.86 -8.29
CA ALA B 636 7.93 28.00 -9.03
C ALA B 636 7.32 26.66 -9.39
N ILE B 637 6.20 26.30 -8.75
CA ILE B 637 5.60 24.99 -8.93
C ILE B 637 5.21 24.77 -10.39
N PHE B 638 4.79 25.84 -11.05
CA PHE B 638 4.03 25.72 -12.29
C PHE B 638 4.94 25.48 -13.48
N VAL B 639 6.22 25.72 -13.34
CA VAL B 639 7.13 25.74 -14.48
C VAL B 639 7.32 24.31 -15.00
N PRO B 640 7.28 24.09 -16.29
CA PRO B 640 7.65 22.80 -16.84
C PRO B 640 9.16 22.68 -16.98
N SER B 641 9.76 21.86 -16.13
CA SER B 641 11.18 21.58 -16.27
C SER B 641 11.44 20.86 -17.60
N TYR B 642 12.59 21.17 -18.20
CA TYR B 642 12.90 20.62 -19.52
C TYR B 642 12.89 19.10 -19.53
N GLY B 643 13.28 18.48 -18.42
CA GLY B 643 13.40 17.04 -18.41
C GLY B 643 14.19 16.50 -17.23
N CYS B 644 15.18 15.65 -17.53
CA CYS B 644 16.00 15.04 -16.47
C CYS B 644 17.02 16.05 -15.96
N TYR B 645 16.51 17.16 -15.43
CA TYR B 645 17.34 18.22 -14.88
C TYR B 645 16.88 18.57 -13.48
N ALA B 646 17.48 19.62 -12.90
CA ALA B 646 17.07 20.06 -11.57
C ALA B 646 15.85 20.96 -11.64
N LYS B 647 15.99 22.11 -12.29
CA LYS B 647 14.94 23.11 -12.42
C LYS B 647 15.41 24.24 -13.33
N PRO B 648 14.51 24.94 -14.02
CA PRO B 648 14.91 26.09 -14.84
C PRO B 648 14.74 27.45 -14.19
N VAL B 649 14.42 27.53 -12.90
CA VAL B 649 14.19 28.80 -12.22
C VAL B 649 15.54 29.31 -11.72
N LYS B 650 16.18 30.19 -12.49
CA LYS B 650 17.45 30.77 -12.05
C LYS B 650 17.29 31.59 -10.80
N HIS B 651 16.13 32.21 -10.62
CA HIS B 651 15.69 32.87 -9.40
C HIS B 651 16.38 34.20 -9.11
N TRP B 652 17.52 34.49 -9.75
CA TRP B 652 17.83 35.80 -10.30
C TRP B 652 19.28 35.85 -10.77
N ALA B 653 19.70 36.97 -11.35
CA ALA B 653 21.07 37.15 -11.80
C ALA B 653 21.33 38.64 -11.98
N SER B 654 22.49 38.97 -12.55
CA SER B 654 22.78 40.33 -12.96
C SER B 654 22.04 40.58 -14.28
N SER B 655 22.36 41.67 -14.97
CA SER B 655 21.61 42.06 -16.18
C SER B 655 22.47 42.07 -17.45
N PRO B 656 23.08 40.94 -17.83
CA PRO B 656 23.59 40.83 -19.21
C PRO B 656 22.51 40.41 -20.19
N LEU B 657 21.63 39.52 -19.73
CA LEU B 657 20.46 39.03 -20.46
C LEU B 657 20.79 38.62 -21.90
N HIS B 658 21.78 37.74 -22.01
CA HIS B 658 21.93 36.89 -23.19
C HIS B 658 21.28 35.55 -22.87
N ILE B 659 20.15 35.27 -23.52
CA ILE B 659 19.36 34.08 -23.24
C ILE B 659 18.87 34.08 -21.79
N GLN B 663 16.88 29.91 -24.52
CA GLN B 663 16.22 28.65 -24.19
C GLN B 663 16.93 27.93 -23.06
N LYS B 664 17.36 28.68 -22.05
CA LYS B 664 18.10 28.06 -20.95
C LYS B 664 17.55 28.43 -19.57
N TRP B 665 16.87 29.57 -19.45
CA TRP B 665 16.35 29.98 -18.16
C TRP B 665 15.01 30.68 -18.34
N LYS B 666 13.96 30.09 -17.78
CA LYS B 666 12.59 30.54 -17.97
C LYS B 666 11.97 31.08 -16.68
N LEU B 667 12.79 31.68 -15.82
CA LEU B 667 12.32 32.49 -14.71
C LEU B 667 13.51 33.22 -14.12
N ILE B 668 13.42 34.54 -13.97
CA ILE B 668 14.57 35.36 -13.58
C ILE B 668 14.06 36.50 -12.71
N GLY B 669 14.90 36.97 -11.79
CA GLY B 669 14.53 38.12 -10.97
C GLY B 669 15.02 39.50 -11.41
N LEU B 670 16.32 39.66 -11.57
CA LEU B 670 16.95 40.90 -12.02
C LEU B 670 16.78 42.07 -11.06
N GLN B 671 15.94 41.90 -10.02
CA GLN B 671 15.88 42.76 -8.84
C GLN B 671 16.09 44.25 -9.12
N ARG B 672 15.58 44.74 -10.25
CA ARG B 672 15.84 46.12 -10.64
C ARG B 672 14.55 46.93 -10.71
N ALA B 679 18.44 53.09 -16.92
CA ALA B 679 17.50 52.66 -17.96
C ALA B 679 18.10 51.53 -18.79
N GLY B 680 19.18 50.92 -18.29
CA GLY B 680 19.78 49.81 -19.00
C GLY B 680 18.86 48.61 -19.10
N THR B 681 18.18 48.28 -17.99
CA THR B 681 17.21 47.21 -18.02
C THR B 681 16.02 47.56 -18.90
N LEU B 682 15.64 48.85 -18.94
CA LEU B 682 14.49 49.26 -19.73
C LEU B 682 14.70 49.06 -21.22
N HIS B 683 15.93 48.81 -21.67
CA HIS B 683 16.19 48.58 -23.08
C HIS B 683 15.88 47.13 -23.47
N ALA B 684 16.56 46.17 -22.82
CA ALA B 684 16.19 44.77 -23.01
C ALA B 684 14.75 44.51 -22.60
N LEU B 685 14.20 45.40 -21.77
CA LEU B 685 12.76 45.42 -21.54
C LEU B 685 12.01 45.51 -22.87
N SER B 686 12.39 46.48 -23.70
CA SER B 686 11.70 46.68 -24.96
C SER B 686 12.39 45.95 -26.12
N ARG B 687 13.71 45.84 -26.08
CA ARG B 687 14.40 45.12 -27.15
C ARG B 687 13.90 43.68 -27.22
N TYR B 688 13.73 43.04 -26.07
CA TYR B 688 12.96 41.80 -25.99
C TYR B 688 11.53 42.11 -25.58
N SER B 689 10.85 42.84 -26.47
CA SER B 689 9.41 43.01 -26.33
C SER B 689 8.67 41.69 -26.48
N ARG B 690 9.32 40.70 -27.09
CA ARG B 690 8.81 39.34 -27.17
C ARG B 690 9.42 38.50 -26.05
N TYR B 691 8.64 37.55 -25.55
CA TYR B 691 9.11 36.63 -24.50
C TYR B 691 9.54 37.39 -23.24
N THR B 692 8.57 38.02 -22.59
CA THR B 692 8.89 38.70 -21.33
C THR B 692 7.63 39.00 -20.55
N SER B 693 7.83 39.59 -19.38
CA SER B 693 6.81 40.10 -18.47
C SER B 693 7.54 40.79 -17.34
N ILE B 694 6.82 41.49 -16.48
CA ILE B 694 7.42 42.25 -15.39
C ILE B 694 6.56 42.17 -14.15
N LEU B 695 7.01 42.87 -13.11
CA LEU B 695 6.25 43.13 -11.89
C LEU B 695 6.74 44.45 -11.32
N ASP B 696 5.92 45.06 -10.47
CA ASP B 696 6.37 46.17 -9.64
C ASP B 696 5.55 46.13 -8.36
N LEU B 697 6.16 45.64 -7.28
CA LEU B 697 5.50 45.67 -5.99
C LEU B 697 5.13 47.08 -5.58
N ASP B 698 5.92 48.07 -6.02
CA ASP B 698 5.60 49.45 -5.72
C ASP B 698 4.23 49.83 -6.27
N ASN B 699 3.99 49.51 -7.54
CA ASN B 699 2.71 49.77 -8.20
C ASN B 699 2.50 48.71 -9.26
N LYS B 700 1.38 47.98 -9.15
CA LYS B 700 1.25 46.70 -9.84
C LYS B 700 1.26 46.87 -11.34
N THR B 701 1.79 45.87 -12.04
CA THR B 701 1.88 45.82 -13.49
C THR B 701 2.26 44.42 -13.91
N LEU B 702 2.17 44.16 -15.21
CA LEU B 702 2.73 42.97 -15.85
C LEU B 702 2.69 43.24 -17.35
N ARG B 703 2.94 42.23 -18.16
CA ARG B 703 3.02 42.50 -19.58
C ARG B 703 2.08 41.69 -20.46
N CYS B 704 1.64 40.50 -20.08
CA CYS B 704 0.89 39.64 -21.00
C CYS B 704 -0.42 39.15 -20.38
N PRO B 705 -1.35 40.07 -20.06
CA PRO B 705 -2.63 39.62 -19.50
C PRO B 705 -3.72 39.42 -20.54
N LEU B 706 -3.64 38.37 -21.35
CA LEU B 706 -4.74 38.02 -22.26
C LEU B 706 -5.09 36.55 -22.06
N TYR B 707 -6.24 36.30 -21.47
CA TYR B 707 -6.70 34.93 -21.26
C TYR B 707 -8.18 34.90 -20.92
N ARG B 708 -8.97 34.19 -21.72
CA ARG B 708 -10.40 34.05 -21.46
C ARG B 708 -10.81 32.63 -21.14
N GLY B 709 -9.94 31.65 -21.34
CA GLY B 709 -10.30 30.26 -21.17
C GLY B 709 -10.51 29.90 -19.70
N THR B 710 -10.90 28.64 -19.51
CA THR B 710 -11.29 28.15 -18.19
C THR B 710 -10.25 27.30 -17.52
N LEU B 711 -9.15 26.95 -18.20
CA LEU B 711 -8.20 26.01 -17.62
C LEU B 711 -7.51 26.60 -16.40
N VAL B 712 -6.84 27.74 -16.57
CA VAL B 712 -6.20 28.41 -15.46
C VAL B 712 -7.20 28.66 -14.34
N PRO B 713 -8.45 29.04 -14.64
CA PRO B 713 -9.44 29.12 -13.55
C PRO B 713 -9.54 27.85 -12.75
N ARG B 714 -9.42 26.69 -13.40
CA ARG B 714 -9.34 25.45 -12.64
C ARG B 714 -7.99 25.32 -11.95
N LEU B 715 -6.89 25.65 -12.64
CA LEU B 715 -5.59 25.68 -11.99
C LEU B 715 -5.55 26.74 -10.91
N ALA B 716 -6.37 27.78 -11.01
CA ALA B 716 -6.37 28.84 -10.03
C ALA B 716 -7.65 29.65 -10.13
N ASP B 717 -8.45 29.68 -9.06
CA ASP B 717 -9.62 30.53 -8.99
C ASP B 717 -9.53 31.36 -7.72
N HIS B 718 -9.67 32.68 -7.86
CA HIS B 718 -9.48 33.54 -6.70
C HIS B 718 -10.56 33.35 -5.64
N ARG B 719 -11.69 32.75 -6.00
CA ARG B 719 -12.73 32.41 -5.02
C ARG B 719 -12.60 30.96 -4.59
N THR B 720 -11.42 30.63 -4.05
CA THR B 720 -11.08 29.28 -3.67
C THR B 720 -11.00 29.17 -2.16
N GLN B 721 -11.38 28.01 -1.64
CA GLN B 721 -11.38 27.75 -0.20
C GLN B 721 -10.27 26.81 0.23
N ILE B 722 -9.33 26.46 -0.66
CA ILE B 722 -8.25 25.58 -0.26
C ILE B 722 -7.42 26.25 0.83
N LYS B 723 -7.24 25.56 1.95
CA LYS B 723 -6.71 26.20 3.16
C LYS B 723 -5.23 25.93 3.39
N ARG B 724 -4.83 24.66 3.49
CA ARG B 724 -3.48 24.37 3.97
C ARG B 724 -2.40 24.80 2.99
N GLY B 725 -2.75 25.13 1.77
CA GLY B 725 -1.73 25.56 0.82
C GLY B 725 -0.89 24.39 0.37
N SER B 726 -0.29 23.68 1.31
CA SER B 726 0.33 22.40 0.97
C SER B 726 -0.65 21.53 0.23
N THR B 727 -1.91 21.53 0.68
CA THR B 727 -2.96 20.87 -0.08
C THR B 727 -3.19 21.57 -1.42
N TYR B 728 -3.11 22.90 -1.44
CA TYR B 728 -3.21 23.62 -2.70
C TYR B 728 -2.11 23.18 -3.66
N TYR B 729 -0.96 22.79 -3.13
CA TYR B 729 0.04 22.17 -4.00
C TYR B 729 -0.50 20.89 -4.61
N LEU B 730 -1.16 20.06 -3.79
CA LEU B 730 -1.71 18.82 -4.31
C LEU B 730 -2.75 19.08 -5.38
N HIS B 731 -3.70 19.99 -5.12
CA HIS B 731 -4.67 20.34 -6.15
C HIS B 731 -3.98 20.81 -7.41
N VAL B 732 -2.94 21.64 -7.27
CA VAL B 732 -2.15 22.01 -8.43
C VAL B 732 -1.46 20.79 -9.01
N GLN B 733 -0.78 20.02 -8.17
CA GLN B 733 -0.02 18.87 -8.65
C GLN B 733 -0.90 17.90 -9.42
N SER B 734 -2.10 17.63 -8.92
CA SER B 734 -3.00 16.70 -9.60
C SER B 734 -3.37 17.21 -10.97
N MET B 735 -3.84 18.46 -11.05
CA MET B 735 -4.36 19.00 -12.30
C MET B 735 -3.32 18.91 -13.41
N LEU B 736 -2.06 19.15 -13.08
CA LEU B 736 -1.02 19.17 -14.08
C LEU B 736 -0.90 17.84 -14.79
N THR B 737 -1.12 16.76 -14.06
CA THR B 737 -1.16 15.44 -14.70
C THR B 737 -2.24 15.40 -15.78
N GLN B 738 -3.42 15.95 -15.50
CA GLN B 738 -4.42 16.04 -16.56
C GLN B 738 -3.90 16.85 -17.73
N LEU B 739 -3.36 18.04 -17.45
CA LEU B 739 -2.74 18.80 -18.52
C LEU B 739 -1.66 17.98 -19.22
N CYS B 740 -0.91 17.21 -18.44
CA CYS B 740 0.00 16.25 -19.05
C CYS B 740 -0.80 15.22 -19.86
N SER B 741 -1.89 14.73 -19.29
CA SER B 741 -2.63 13.64 -19.94
C SER B 741 -3.16 14.08 -21.30
N LYS B 742 -3.85 15.21 -21.35
CA LYS B 742 -4.27 15.75 -22.64
C LYS B 742 -3.06 15.93 -23.54
N ALA B 743 -2.00 16.53 -23.01
CA ALA B 743 -0.78 16.69 -23.78
C ALA B 743 -0.22 15.34 -24.20
N PHE B 744 -0.35 14.34 -23.35
CA PHE B 744 0.09 13.01 -23.70
C PHE B 744 -0.61 12.53 -24.95
N LEU B 745 -1.93 12.72 -25.02
CA LEU B 745 -2.71 12.22 -26.13
C LEU B 745 -2.26 12.85 -27.44
N TYR B 746 -2.08 14.18 -27.43
CA TYR B 746 -1.82 14.91 -28.66
C TYR B 746 -0.57 14.42 -29.37
N THR B 747 0.46 14.06 -28.60
CA THR B 747 1.69 13.61 -29.22
C THR B 747 1.46 12.35 -30.03
N PHE B 748 0.65 11.45 -29.49
CA PHE B 748 0.43 10.11 -30.01
C PHE B 748 -0.80 10.09 -30.91
N CYS B 749 -1.39 8.91 -31.08
CA CYS B 749 -2.58 8.56 -31.86
C CYS B 749 -2.25 8.26 -33.32
N HIS B 750 -1.02 8.47 -33.77
CA HIS B 750 -0.49 7.86 -35.00
C HIS B 750 -1.44 8.02 -36.19
N HIS B 751 -2.36 8.97 -36.09
CA HIS B 751 -3.24 9.37 -37.18
C HIS B 751 -3.20 10.86 -37.39
N LEU B 752 -2.39 11.58 -36.60
CA LEU B 752 -2.38 13.03 -36.56
C LEU B 752 -1.05 13.62 -37.04
N HIS B 753 0.03 12.85 -37.00
CA HIS B 753 1.30 13.33 -37.52
C HIS B 753 1.21 13.40 -39.04
N LEU B 754 2.36 13.70 -39.68
CA LEU B 754 2.38 13.90 -41.13
C LEU B 754 1.71 12.78 -41.91
N PRO B 755 1.87 11.49 -41.56
CA PRO B 755 0.95 10.49 -42.12
C PRO B 755 -0.46 10.67 -41.58
N THR B 756 -1.38 11.06 -42.45
CA THR B 756 -2.74 11.38 -42.04
C THR B 756 -3.64 11.30 -43.27
N HIS B 757 -4.95 11.15 -43.02
CA HIS B 757 -5.87 10.62 -44.03
C HIS B 757 -6.20 11.61 -45.15
N ASP B 758 -6.43 12.88 -44.83
CA ASP B 758 -7.03 13.77 -45.84
C ASP B 758 -6.04 14.15 -46.94
N LYS B 759 -5.06 14.98 -46.61
CA LYS B 759 -4.13 15.51 -47.62
C LYS B 759 -2.96 16.16 -46.88
N GLU B 760 -2.11 16.86 -47.62
CA GLU B 760 -0.78 17.22 -47.16
C GLU B 760 -0.62 18.68 -46.74
N THR B 761 -1.21 19.63 -47.46
CA THR B 761 -0.79 21.02 -47.31
C THR B 761 -1.06 21.62 -45.92
N GLU B 762 -2.33 21.88 -45.60
CA GLU B 762 -2.70 22.42 -44.29
C GLU B 762 -3.96 21.82 -43.72
N GLU B 763 -4.77 21.13 -44.53
CA GLU B 763 -5.93 20.36 -44.10
C GLU B 763 -5.62 19.52 -42.86
N LEU B 764 -4.42 18.95 -42.79
CA LEU B 764 -4.04 18.19 -41.61
C LEU B 764 -3.95 19.08 -40.39
N VAL B 765 -3.48 20.33 -40.56
CA VAL B 765 -3.46 21.26 -39.44
C VAL B 765 -4.88 21.61 -39.03
N ALA B 766 -5.79 21.71 -39.99
CA ALA B 766 -7.21 21.74 -39.66
C ALA B 766 -7.65 20.43 -39.03
N SER B 767 -7.14 19.31 -39.56
CA SER B 767 -7.49 18.01 -39.01
C SER B 767 -7.06 17.89 -37.55
N ARG B 768 -5.85 18.36 -37.24
CA ARG B 768 -5.40 18.34 -35.86
C ARG B 768 -6.33 19.14 -34.96
N GLN B 769 -6.99 20.16 -35.50
CA GLN B 769 -7.94 20.91 -34.70
C GLN B 769 -9.10 20.04 -34.26
N MET B 770 -9.65 19.22 -35.17
CA MET B 770 -10.71 18.31 -34.77
C MET B 770 -10.26 17.32 -33.71
N SER B 771 -8.96 17.08 -33.57
CA SER B 771 -8.51 16.28 -32.43
C SER B 771 -8.88 16.97 -31.13
N PHE B 772 -8.81 18.30 -31.11
CA PHE B 772 -9.16 19.03 -29.90
C PHE B 772 -10.63 18.88 -29.54
N LEU B 773 -11.48 18.58 -30.53
CA LEU B 773 -12.86 18.22 -30.21
C LEU B 773 -12.90 16.96 -29.37
N LYS B 774 -12.03 16.00 -29.67
CA LYS B 774 -11.85 14.86 -28.78
C LYS B 774 -11.07 15.23 -27.53
N LEU B 775 -10.30 16.32 -27.56
CA LEU B 775 -9.37 16.67 -26.49
C LEU B 775 -9.90 17.75 -25.56
N THR B 776 -11.18 18.07 -25.66
CA THR B 776 -11.90 19.02 -24.79
C THR B 776 -11.06 20.25 -24.43
N LEU B 777 -10.70 21.01 -25.45
CA LEU B 777 -10.00 22.27 -25.23
C LEU B 777 -10.86 23.22 -24.39
N GLY B 778 -10.24 24.27 -23.90
CA GLY B 778 -11.00 25.33 -23.27
C GLY B 778 -11.31 26.47 -24.21
N LEU B 779 -10.28 26.98 -24.88
CA LEU B 779 -10.38 28.13 -25.77
C LEU B 779 -9.08 28.15 -26.58
N VAL B 780 -9.10 28.88 -27.69
CA VAL B 780 -7.96 28.88 -28.59
C VAL B 780 -6.68 29.29 -27.87
N ASN B 781 -6.78 29.96 -26.72
CA ASN B 781 -5.59 30.19 -25.92
C ASN B 781 -5.04 28.88 -25.36
N GLU B 782 -5.90 27.99 -24.87
CA GLU B 782 -5.42 26.69 -24.41
C GLU B 782 -4.79 25.88 -25.51
N ASP B 783 -5.15 26.15 -26.76
CA ASP B 783 -4.51 25.48 -27.87
C ASP B 783 -2.99 25.63 -27.80
N VAL B 784 -2.51 26.79 -27.32
CA VAL B 784 -1.07 26.99 -27.23
C VAL B 784 -0.45 26.02 -26.25
N ARG B 785 -1.02 25.94 -25.04
CA ARG B 785 -0.42 25.14 -23.98
C ARG B 785 -0.14 23.72 -24.44
N VAL B 786 -1.19 23.01 -24.82
CA VAL B 786 -1.03 21.62 -25.23
C VAL B 786 -0.12 21.51 -26.45
N VAL B 787 -0.17 22.51 -27.33
CA VAL B 787 0.78 22.50 -28.44
C VAL B 787 2.19 22.68 -27.92
N GLN B 788 2.38 23.46 -26.85
CA GLN B 788 3.71 23.65 -26.30
C GLN B 788 4.28 22.33 -25.77
N TYR B 789 3.46 21.56 -25.06
CA TYR B 789 3.97 20.38 -24.38
C TYR B 789 4.43 19.32 -25.36
N LEU B 790 3.79 19.24 -26.52
CA LEU B 790 4.37 18.50 -27.64
C LEU B 790 5.85 18.81 -27.79
N ALA B 791 6.17 20.10 -27.95
CA ALA B 791 7.56 20.49 -28.15
C ALA B 791 8.46 19.92 -27.07
N GLU B 792 8.02 19.98 -25.81
CA GLU B 792 8.79 19.35 -24.75
C GLU B 792 8.86 17.85 -24.95
N LEU B 793 7.73 17.21 -25.29
CA LEU B 793 7.75 15.77 -25.50
C LEU B 793 8.38 15.42 -26.84
N LEU B 794 8.11 16.22 -27.87
CA LEU B 794 8.67 15.94 -29.19
C LEU B 794 10.18 15.97 -29.13
N LYS B 795 10.76 16.89 -28.36
CA LYS B 795 12.21 17.04 -28.31
C LYS B 795 12.88 15.79 -27.76
N LEU B 796 12.35 15.24 -26.66
CA LEU B 796 13.06 14.15 -25.97
C LEU B 796 13.01 12.86 -26.78
N HIS B 797 11.85 12.52 -27.33
CA HIS B 797 11.81 11.41 -28.28
C HIS B 797 12.71 11.67 -29.47
N TYR B 798 12.88 12.94 -29.85
CA TYR B 798 13.79 13.29 -30.93
C TYR B 798 15.25 13.17 -30.50
N MET B 799 15.57 13.65 -29.28
CA MET B 799 16.94 13.53 -28.78
C MET B 799 17.35 12.07 -28.65
N GLN B 800 16.47 11.23 -28.10
CA GLN B 800 16.79 9.81 -27.99
C GLN B 800 16.71 9.10 -29.33
N GLU B 801 16.09 9.72 -30.34
CA GLU B 801 15.96 9.12 -31.66
C GLU B 801 17.32 8.94 -32.32
N TYR B 814 4.66 37.95 -32.36
CA TYR B 814 3.50 37.19 -32.80
C TYR B 814 2.41 37.21 -31.73
N VAL B 815 2.73 37.80 -30.59
CA VAL B 815 1.78 37.86 -29.48
C VAL B 815 1.73 39.30 -28.96
N PRO B 816 0.54 39.87 -28.82
CA PRO B 816 0.44 41.22 -28.23
C PRO B 816 0.73 41.20 -26.74
N SER B 817 0.56 42.34 -26.07
CA SER B 817 0.92 42.43 -24.66
C SER B 817 0.21 43.61 -24.03
N PHE B 818 -0.51 43.37 -22.94
CA PHE B 818 -1.30 44.38 -22.27
C PHE B 818 -0.66 44.69 -20.92
N LEU B 819 -1.33 45.49 -20.12
CA LEU B 819 -0.91 45.73 -18.75
C LEU B 819 -2.00 46.53 -18.07
N TYR B 820 -2.16 46.30 -16.77
CA TYR B 820 -3.14 47.06 -16.02
C TYR B 820 -2.69 47.15 -14.57
N LYS B 821 -3.13 48.20 -13.90
CA LYS B 821 -2.70 48.47 -12.53
C LYS B 821 -3.22 47.43 -11.55
#